data_2W5F
#
_entry.id   2W5F
#
_cell.length_a   173.178
_cell.length_b   173.178
_cell.length_c   131.710
_cell.angle_alpha   90.00
_cell.angle_beta   90.00
_cell.angle_gamma   120.00
#
_symmetry.space_group_name_H-M   'P 32 2 1'
#
loop_
_entity.id
_entity.type
_entity.pdbx_description
1 polymer 'ENDO-1,4-BETA-XYLANASE Y'
2 branched beta-D-xylopyranose-(1-4)-beta-D-xylopyranose-(1-4)-beta-D-xylopyranose
3 non-polymer 'ACETATE ION'
4 non-polymer 'CADMIUM ION'
5 water water
#
_entity_poly.entity_id   1
_entity_poly.type   'polypeptide(L)'
_entity_poly.pdbx_seq_one_letter_code
;MGSSHHHHHHSSGLVPRGSHADYEVVHDTFEVNFDGWCNLGVDTYLTAVENEGNNGTRGMMVINRSSASDGAYSEKGFYL
DGGVEYKYSVFVKHNGTGTETFKLSVSYLDSETEEENKEVIATKDVVAGEWTEISAKYKAPKTAVNITLSITTDSTVDFI
FDDVTITRKGMAEANTVYAANAVLKDMYANYFRVGSVLNSGTVNNSSIKALILREFNSITCENEMKPDATLVQSGSTNTN
IRVSLNRAASILNFCAQNNIAVRGHTLVWHSQTPQWFFKDNFQDNGNWVSQSVMDQRLESYIKNMFAEIQRQYPSLNLYA
YDVVNAAVSDDANRTRYYGGAREPGYGNGRSPWVQIYGDNKFIEKAFTYARKYAPANCKLYYNDYNEYWDHKRDCIASIC
ANLYNKGLLDGVGMQSHINADMNGFSGIQNYKAALQKYINIGCDVQITELDISTENGKFSLQQQADKYKAVFQAAVDINR
TSSKGKVTAVCVWGPNDANTWLGSQNAPLLFNANNQPKPAYNAVASIIPQSEWGDGNNPA
;
_entity_poly.pdbx_strand_id   A,B
#
loop_
_chem_comp.id
_chem_comp.type
_chem_comp.name
_chem_comp.formula
ACT non-polymer 'ACETATE ION' 'C2 H3 O2 -1'
CD non-polymer 'CADMIUM ION' 'Cd 2'
XYP D-saccharide, beta linking beta-D-xylopyranose 'C5 H10 O5'
#
# COMPACT_ATOMS: atom_id res chain seq x y z
N ALA A 21 -34.04 18.77 -0.96
CA ALA A 21 -33.24 18.83 0.29
C ALA A 21 -34.12 18.57 1.51
N ASP A 22 -33.50 18.24 2.65
CA ASP A 22 -34.22 17.76 3.86
C ASP A 22 -33.32 17.60 5.12
N TYR A 23 -32.18 16.93 4.98
CA TYR A 23 -31.28 16.63 6.10
C TYR A 23 -29.84 17.13 5.84
N GLU A 24 -29.30 17.89 6.80
CA GLU A 24 -28.00 18.57 6.67
C GLU A 24 -26.85 17.73 7.21
N VAL A 25 -25.90 17.36 6.34
CA VAL A 25 -24.77 16.54 6.76
C VAL A 25 -23.50 17.35 6.96
N VAL A 26 -23.45 18.51 6.32
CA VAL A 26 -22.34 19.43 6.49
C VAL A 26 -22.89 20.84 6.62
N HIS A 27 -22.38 21.59 7.59
CA HIS A 27 -22.52 23.03 7.57
C HIS A 27 -21.24 23.69 8.09
N ASP A 28 -20.36 24.09 7.17
CA ASP A 28 -19.16 24.83 7.54
C ASP A 28 -19.46 26.32 7.72
N THR A 29 -19.35 26.75 8.96
CA THR A 29 -19.43 28.14 9.34
C THR A 29 -18.11 28.30 10.05
N PHE A 30 -17.02 28.53 9.32
CA PHE A 30 -15.74 29.00 9.84
C PHE A 30 -15.74 29.83 11.12
N GLU A 31 -16.62 29.51 12.08
CA GLU A 31 -16.71 30.30 13.30
C GLU A 31 -15.51 30.11 14.24
N VAL A 32 -14.88 28.94 14.19
CA VAL A 32 -13.69 28.69 15.00
C VAL A 32 -12.49 28.16 14.18
N ASN A 33 -12.72 27.10 13.41
CA ASN A 33 -11.63 26.45 12.67
C ASN A 33 -11.75 26.73 11.18
N PHE A 34 -10.84 26.14 10.39
CA PHE A 34 -10.90 26.21 8.94
C PHE A 34 -11.84 25.16 8.36
N ASP A 35 -12.41 24.34 9.24
CA ASP A 35 -13.48 23.40 8.87
C ASP A 35 -13.18 22.48 7.68
N GLY A 36 -11.91 22.08 7.54
CA GLY A 36 -11.50 21.08 6.55
C GLY A 36 -11.15 21.68 5.19
N TRP A 37 -11.10 23.01 5.13
CA TRP A 37 -10.92 23.73 3.88
C TRP A 37 -9.46 24.06 3.69
N CYS A 38 -9.05 23.91 2.44
CA CYS A 38 -7.65 23.86 2.05
C CYS A 38 -7.41 24.74 0.82
N ASN A 39 -6.21 25.28 0.68
CA ASN A 39 -5.87 26.02 -0.54
C ASN A 39 -5.73 25.09 -1.74
N LEU A 40 -6.37 25.46 -2.84
CA LEU A 40 -6.23 24.74 -4.11
C LEU A 40 -5.22 25.57 -4.92
N GLY A 41 -4.10 24.98 -5.29
CA GLY A 41 -2.98 25.74 -5.84
C GLY A 41 -1.95 26.01 -4.75
N VAL A 42 -0.69 25.70 -5.04
CA VAL A 42 0.38 25.72 -4.02
C VAL A 42 0.57 27.08 -3.34
N ASP A 43 0.33 28.17 -4.08
CA ASP A 43 0.54 29.52 -3.52
C ASP A 43 -0.73 30.26 -3.16
N THR A 44 -1.87 29.64 -3.38
CA THR A 44 -3.13 30.21 -2.93
C THR A 44 -3.10 30.25 -1.39
N TYR A 45 -3.70 31.29 -0.83
CA TYR A 45 -3.69 31.49 0.61
C TYR A 45 -5.10 31.59 1.18
N LEU A 46 -5.40 30.78 2.19
CA LEU A 46 -6.67 30.88 2.90
C LEU A 46 -6.49 31.56 4.25
N THR A 47 -7.40 32.46 4.57
CA THR A 47 -7.38 33.12 5.87
C THR A 47 -8.82 33.39 6.35
N ALA A 48 -9.18 32.82 7.50
CA ALA A 48 -10.52 33.03 8.07
C ALA A 48 -10.51 34.29 8.92
N VAL A 49 -11.51 35.15 8.71
CA VAL A 49 -11.53 36.49 9.29
C VAL A 49 -12.85 36.81 9.98
N GLU A 50 -12.81 37.23 11.24
CA GLU A 50 -14.03 37.62 11.95
C GLU A 50 -14.76 38.70 11.14
N ASN A 51 -16.09 38.78 11.30
CA ASN A 51 -16.94 39.90 10.77
C ASN A 51 -17.11 39.99 9.24
N GLU A 52 -16.23 39.33 8.49
CA GLU A 52 -16.18 39.47 7.04
C GLU A 52 -16.86 38.33 6.28
N GLY A 53 -17.38 37.36 7.02
CA GLY A 53 -18.19 36.29 6.43
C GLY A 53 -19.64 36.72 6.22
N ASN A 54 -20.49 35.73 5.98
CA ASN A 54 -21.88 35.96 5.65
C ASN A 54 -22.62 36.37 6.92
N ASN A 55 -23.57 37.29 6.79
CA ASN A 55 -24.34 37.80 7.92
C ASN A 55 -23.48 38.33 9.07
N GLY A 56 -22.36 38.96 8.73
CA GLY A 56 -21.47 39.55 9.73
C GLY A 56 -20.71 38.55 10.59
N THR A 57 -20.73 37.27 10.21
CA THR A 57 -20.05 36.22 10.96
C THR A 57 -18.65 36.04 10.39
N ARG A 58 -17.91 35.05 10.93
CA ARG A 58 -16.55 34.78 10.46
CA ARG A 58 -16.54 34.77 10.47
C ARG A 58 -16.62 34.06 9.12
N GLY A 59 -15.75 34.45 8.19
CA GLY A 59 -15.73 33.85 6.86
C GLY A 59 -14.35 33.45 6.38
N MET A 60 -14.31 32.67 5.31
CA MET A 60 -13.04 32.21 4.73
C MET A 60 -12.66 33.06 3.52
N MET A 61 -11.58 33.83 3.63
CA MET A 61 -11.04 34.55 2.49
C MET A 61 -10.06 33.68 1.71
N VAL A 62 -10.09 33.81 0.40
CA VAL A 62 -9.19 33.10 -0.50
C VAL A 62 -8.47 34.15 -1.31
N ILE A 63 -7.16 34.26 -1.10
CA ILE A 63 -6.37 35.30 -1.75
C ILE A 63 -5.12 34.71 -2.41
N ASN A 64 -4.42 35.53 -3.16
CA ASN A 64 -3.20 35.13 -3.85
C ASN A 64 -3.41 34.01 -4.88
N ARG A 65 -4.59 33.99 -5.49
CA ARG A 65 -4.86 33.14 -6.65
C ARG A 65 -4.20 33.75 -7.87
N SER A 66 -3.49 32.94 -8.63
CA SER A 66 -2.82 33.48 -9.80
C SER A 66 -3.29 32.82 -11.11
N SER A 67 -4.18 31.84 -11.01
CA SER A 67 -4.95 31.38 -12.16
C SER A 67 -6.33 30.92 -11.75
N ALA A 68 -7.19 30.73 -12.75
CA ALA A 68 -8.59 30.38 -12.52
C ALA A 68 -8.75 29.06 -11.74
N SER A 69 -7.81 28.14 -11.91
CA SER A 69 -7.86 26.85 -11.22
C SER A 69 -7.53 26.91 -9.72
N ASP A 70 -6.88 27.99 -9.28
CA ASP A 70 -6.64 28.21 -7.86
C ASP A 70 -7.97 28.46 -7.16
N GLY A 71 -8.06 28.08 -5.90
CA GLY A 71 -9.25 28.34 -5.11
C GLY A 71 -9.16 27.63 -3.77
N ALA A 72 -10.25 26.96 -3.38
CA ALA A 72 -10.29 26.25 -2.12
C ALA A 72 -10.98 24.91 -2.33
N TYR A 73 -10.58 23.89 -1.55
CA TYR A 73 -11.24 22.60 -1.60
C TYR A 73 -11.37 22.04 -0.19
N SER A 74 -12.30 21.11 -0.01
CA SER A 74 -12.41 20.36 1.23
C SER A 74 -12.83 18.96 0.89
N GLU A 75 -12.09 17.97 1.40
CA GLU A 75 -12.44 16.57 1.24
C GLU A 75 -13.51 16.23 2.26
N LYS A 76 -14.67 15.75 1.79
CA LYS A 76 -15.79 15.50 2.68
C LYS A 76 -16.19 14.03 2.72
N GLY A 77 -15.22 13.13 2.56
CA GLY A 77 -15.50 11.69 2.51
C GLY A 77 -16.04 11.12 3.80
N PHE A 78 -15.80 11.80 4.92
CA PHE A 78 -16.35 11.43 6.22
C PHE A 78 -17.86 11.59 6.26
N TYR A 79 -18.39 12.47 5.40
CA TYR A 79 -19.80 12.92 5.45
C TYR A 79 -20.64 12.51 4.24
N LEU A 80 -19.97 12.37 3.09
CA LEU A 80 -20.63 12.18 1.80
C LEU A 80 -20.40 10.77 1.27
N ASP A 81 -21.48 10.12 0.87
CA ASP A 81 -21.46 8.76 0.34
C ASP A 81 -21.71 8.79 -1.17
N GLY A 82 -21.04 7.91 -1.90
CA GLY A 82 -21.31 7.77 -3.32
C GLY A 82 -22.70 7.21 -3.52
N GLY A 83 -23.40 7.65 -4.56
CA GLY A 83 -24.72 7.12 -4.87
C GLY A 83 -25.87 7.88 -4.22
N VAL A 84 -25.55 8.84 -3.37
CA VAL A 84 -26.56 9.64 -2.67
C VAL A 84 -26.57 11.04 -3.27
N GLU A 85 -27.76 11.56 -3.56
CA GLU A 85 -27.88 12.93 -4.07
C GLU A 85 -27.80 13.93 -2.91
N TYR A 86 -26.91 14.91 -3.05
CA TYR A 86 -26.73 15.96 -2.06
C TYR A 86 -26.99 17.28 -2.74
N LYS A 87 -27.56 18.21 -2.00
CA LYS A 87 -27.59 19.60 -2.45
C LYS A 87 -26.39 20.33 -1.85
N TYR A 88 -25.51 20.84 -2.71
CA TYR A 88 -24.36 21.63 -2.28
C TYR A 88 -24.72 23.11 -2.40
N SER A 89 -24.47 23.87 -1.33
CA SER A 89 -24.74 25.30 -1.31
C SER A 89 -23.61 26.03 -0.62
N VAL A 90 -23.17 27.13 -1.21
CA VAL A 90 -22.11 27.96 -0.62
C VAL A 90 -22.50 29.41 -0.81
N PHE A 91 -22.29 30.24 0.20
CA PHE A 91 -22.39 31.68 0.00
C PHE A 91 -21.02 32.25 -0.32
N VAL A 92 -20.98 33.05 -1.38
CA VAL A 92 -19.72 33.65 -1.86
C VAL A 92 -19.87 35.18 -2.02
N LYS A 93 -18.75 35.88 -2.04
CA LYS A 93 -18.71 37.32 -2.21
C LYS A 93 -17.36 37.66 -2.84
N HIS A 94 -17.33 38.66 -3.72
CA HIS A 94 -16.05 39.19 -4.17
C HIS A 94 -16.10 40.71 -4.12
N ASN A 95 -14.92 41.32 -4.13
CA ASN A 95 -14.77 42.75 -4.11
C ASN A 95 -13.95 43.24 -5.31
N GLY A 96 -14.04 42.53 -6.43
CA GLY A 96 -13.48 43.00 -7.70
C GLY A 96 -14.45 43.93 -8.41
N THR A 97 -14.21 44.20 -9.69
CA THR A 97 -15.15 45.03 -10.45
C THR A 97 -16.05 44.13 -11.31
N GLY A 98 -17.33 44.47 -11.38
CA GLY A 98 -18.28 43.76 -12.22
C GLY A 98 -18.65 42.35 -11.77
N THR A 99 -19.09 41.54 -12.72
CA THR A 99 -19.57 40.20 -12.44
C THR A 99 -18.41 39.20 -12.51
N GLU A 100 -18.37 38.29 -11.53
CA GLU A 100 -17.46 37.14 -11.54
C GLU A 100 -18.30 35.86 -11.65
N THR A 101 -17.79 34.90 -12.41
CA THR A 101 -18.44 33.60 -12.55
C THR A 101 -17.79 32.63 -11.56
N PHE A 102 -18.55 32.24 -10.53
CA PHE A 102 -18.08 31.23 -9.58
C PHE A 102 -18.46 29.86 -10.07
N LYS A 103 -17.69 28.85 -9.63
CA LYS A 103 -17.94 27.45 -9.97
C LYS A 103 -17.80 26.60 -8.73
N LEU A 104 -18.74 25.67 -8.54
CA LEU A 104 -18.60 24.61 -7.56
C LEU A 104 -18.25 23.36 -8.33
N SER A 105 -17.18 22.68 -7.90
CA SER A 105 -16.84 21.40 -8.50
C SER A 105 -16.82 20.30 -7.45
N VAL A 106 -17.24 19.11 -7.87
CA VAL A 106 -17.14 17.92 -7.03
C VAL A 106 -16.20 16.95 -7.72
N SER A 107 -15.23 16.44 -6.97
CA SER A 107 -14.36 15.38 -7.46
C SER A 107 -14.43 14.17 -6.54
N TYR A 108 -14.05 13.01 -7.06
CA TYR A 108 -14.09 11.80 -6.27
C TYR A 108 -13.14 10.78 -6.90
N LEU A 109 -12.78 9.78 -6.12
CA LEU A 109 -12.09 8.60 -6.64
C LEU A 109 -13.11 7.47 -6.74
N ASP A 110 -13.16 6.82 -7.90
CA ASP A 110 -14.01 5.66 -8.08
C ASP A 110 -13.25 4.49 -7.49
N SER A 111 -13.84 3.83 -6.51
CA SER A 111 -13.13 2.83 -5.73
C SER A 111 -12.99 1.50 -6.47
N GLU A 112 -13.74 1.35 -7.57
CA GLU A 112 -13.60 0.13 -8.36
C GLU A 112 -12.62 0.31 -9.51
N THR A 113 -12.79 1.38 -10.29
CA THR A 113 -11.92 1.64 -11.44
C THR A 113 -10.60 2.29 -11.04
N GLU A 114 -10.52 2.78 -9.80
CA GLU A 114 -9.34 3.48 -9.25
C GLU A 114 -9.05 4.79 -9.99
N GLU A 115 -10.10 5.36 -10.58
CA GLU A 115 -9.97 6.52 -11.43
C GLU A 115 -10.68 7.71 -10.84
N GLU A 116 -10.04 8.87 -10.92
CA GLU A 116 -10.62 10.11 -10.40
C GLU A 116 -11.46 10.81 -11.44
N ASN A 117 -12.56 11.42 -10.97
CA ASN A 117 -13.41 12.24 -11.80
C ASN A 117 -13.63 13.57 -11.12
N LYS A 118 -13.81 14.61 -11.93
CA LYS A 118 -14.09 15.94 -11.40
C LYS A 118 -15.09 16.60 -12.32
N GLU A 119 -16.06 17.30 -11.75
CA GLU A 119 -17.08 17.93 -12.56
C GLU A 119 -17.56 19.23 -11.95
N VAL A 120 -17.77 20.24 -12.81
CA VAL A 120 -18.45 21.46 -12.38
C VAL A 120 -19.89 21.10 -12.13
N ILE A 121 -20.38 21.34 -10.91
CA ILE A 121 -21.78 21.03 -10.61
C ILE A 121 -22.64 22.30 -10.59
N ALA A 122 -21.99 23.45 -10.47
CA ALA A 122 -22.71 24.72 -10.43
C ALA A 122 -21.82 25.84 -10.93
N THR A 123 -22.41 26.71 -11.74
CA THR A 123 -21.78 27.91 -12.27
C THR A 123 -22.75 29.04 -11.96
N LYS A 124 -22.24 30.14 -11.42
CA LYS A 124 -23.12 31.23 -11.00
C LYS A 124 -22.43 32.56 -11.19
N ASP A 125 -23.13 33.50 -11.82
CA ASP A 125 -22.61 34.86 -12.00
C ASP A 125 -22.87 35.69 -10.76
N VAL A 126 -21.81 36.30 -10.23
CA VAL A 126 -21.88 37.00 -8.96
C VAL A 126 -21.39 38.46 -9.10
N VAL A 127 -22.27 39.40 -8.79
CA VAL A 127 -21.93 40.81 -8.82
C VAL A 127 -21.05 41.20 -7.62
N ALA A 128 -20.23 42.24 -7.79
CA ALA A 128 -19.34 42.70 -6.74
C ALA A 128 -20.07 43.14 -5.47
N GLY A 129 -19.51 42.75 -4.33
CA GLY A 129 -19.92 43.31 -3.04
C GLY A 129 -21.22 42.78 -2.48
N GLU A 130 -21.65 41.61 -2.96
CA GLU A 130 -22.92 41.02 -2.50
C GLU A 130 -22.81 39.52 -2.21
N TRP A 131 -23.21 39.13 -1.01
CA TRP A 131 -23.30 37.72 -0.65
C TRP A 131 -24.34 37.03 -1.51
N THR A 132 -23.89 35.99 -2.21
CA THR A 132 -24.67 35.32 -3.23
C THR A 132 -24.54 33.82 -3.03
N GLU A 133 -25.67 33.12 -3.01
CA GLU A 133 -25.66 31.66 -2.91
C GLU A 133 -25.39 31.05 -4.28
N ILE A 134 -24.48 30.07 -4.31
CA ILE A 134 -24.29 29.22 -5.47
C ILE A 134 -24.60 27.79 -4.99
N SER A 135 -25.47 27.10 -5.71
CA SER A 135 -25.85 25.76 -5.28
C SER A 135 -26.28 24.89 -6.43
N ALA A 136 -26.25 23.58 -6.18
CA ALA A 136 -26.75 22.59 -7.12
C ALA A 136 -26.90 21.26 -6.40
N LYS A 137 -27.73 20.40 -6.97
CA LYS A 137 -27.81 19.02 -6.54
C LYS A 137 -26.83 18.20 -7.36
N TYR A 138 -26.17 17.25 -6.70
CA TYR A 138 -25.28 16.32 -7.39
C TYR A 138 -25.23 14.96 -6.70
N LYS A 139 -25.36 13.91 -7.52
CA LYS A 139 -25.23 12.53 -7.05
C LYS A 139 -24.00 11.86 -7.68
N ALA A 140 -23.00 11.57 -6.85
CA ALA A 140 -21.81 10.83 -7.30
C ALA A 140 -22.11 9.34 -7.47
N PRO A 141 -21.31 8.64 -8.30
CA PRO A 141 -21.49 7.19 -8.46
C PRO A 141 -21.41 6.47 -7.12
N LYS A 142 -22.12 5.35 -7.01
CA LYS A 142 -22.14 4.57 -5.78
C LYS A 142 -20.74 4.17 -5.32
N THR A 143 -19.81 4.03 -6.27
CA THR A 143 -18.45 3.60 -5.96
C THR A 143 -17.52 4.78 -5.66
N ALA A 144 -18.08 5.98 -5.65
CA ALA A 144 -17.30 7.19 -5.35
C ALA A 144 -16.85 7.24 -3.87
N VAL A 145 -15.58 7.62 -3.67
CA VAL A 145 -15.01 7.90 -2.34
C VAL A 145 -14.19 9.17 -2.45
N ASN A 146 -13.72 9.70 -1.32
CA ASN A 146 -13.05 11.00 -1.29
C ASN A 146 -13.81 12.10 -1.98
N ILE A 147 -15.13 12.11 -1.83
CA ILE A 147 -15.95 13.17 -2.40
C ILE A 147 -15.43 14.52 -1.89
N THR A 148 -15.08 15.40 -2.82
CA THR A 148 -14.40 16.65 -2.47
C THR A 148 -15.06 17.81 -3.16
N LEU A 149 -15.32 18.89 -2.42
CA LEU A 149 -15.96 20.08 -2.97
C LEU A 149 -14.89 21.16 -3.20
N SER A 150 -14.94 21.84 -4.33
CA SER A 150 -14.03 22.98 -4.55
C SER A 150 -14.74 24.19 -5.16
N ILE A 151 -14.16 25.37 -4.92
CA ILE A 151 -14.74 26.65 -5.29
C ILE A 151 -13.66 27.41 -6.03
N THR A 152 -13.98 27.85 -7.25
CA THR A 152 -13.08 28.70 -8.02
C THR A 152 -13.89 29.79 -8.70
N THR A 153 -13.21 30.72 -9.36
CA THR A 153 -13.85 31.60 -10.34
C THR A 153 -13.13 31.49 -11.67
N ASP A 154 -13.77 31.99 -12.72
CA ASP A 154 -13.17 32.04 -14.02
C ASP A 154 -12.23 33.24 -14.14
N SER A 155 -11.46 33.50 -13.08
CA SER A 155 -10.51 34.63 -13.00
C SER A 155 -9.57 34.39 -11.82
N THR A 156 -8.75 35.39 -11.47
CA THR A 156 -7.80 35.27 -10.36
C THR A 156 -8.22 36.11 -9.14
N VAL A 157 -9.45 36.63 -9.19
CA VAL A 157 -10.01 37.49 -8.14
C VAL A 157 -9.96 36.83 -6.74
N ASP A 158 -9.68 37.63 -5.71
CA ASP A 158 -9.88 37.23 -4.34
C ASP A 158 -11.36 37.02 -4.07
N PHE A 159 -11.69 36.09 -3.19
CA PHE A 159 -13.08 35.97 -2.76
C PHE A 159 -13.22 35.58 -1.31
N ILE A 160 -14.45 35.64 -0.78
CA ILE A 160 -14.74 35.15 0.58
C ILE A 160 -15.87 34.14 0.42
N PHE A 161 -15.86 33.10 1.23
CA PHE A 161 -17.00 32.18 1.26
C PHE A 161 -17.37 31.79 2.70
N ASP A 162 -18.57 31.26 2.87
CA ASP A 162 -19.09 30.98 4.19
C ASP A 162 -20.28 30.06 4.02
N ASP A 163 -20.71 29.45 5.11
CA ASP A 163 -21.94 28.66 5.11
C ASP A 163 -22.00 27.63 3.99
N VAL A 164 -20.97 26.79 3.95
CA VAL A 164 -20.97 25.63 3.08
C VAL A 164 -21.97 24.67 3.70
N THR A 165 -23.02 24.38 2.96
CA THR A 165 -24.12 23.58 3.43
C THR A 165 -24.29 22.41 2.48
N ILE A 166 -24.38 21.20 3.02
CA ILE A 166 -24.61 20.01 2.18
C ILE A 166 -25.72 19.19 2.79
N THR A 167 -26.79 19.01 2.03
CA THR A 167 -28.01 18.41 2.54
C THR A 167 -28.46 17.22 1.71
N ARG A 168 -29.22 16.35 2.36
CA ARG A 168 -29.63 15.06 1.83
C ARG A 168 -31.14 15.01 1.99
N LYS A 169 -31.80 14.18 1.19
CA LYS A 169 -33.24 14.01 1.32
C LYS A 169 -33.56 12.78 2.17
N ALA A 179 -22.60 9.91 33.19
CA ALA A 179 -22.16 8.51 33.20
C ALA A 179 -23.18 7.63 32.43
N ALA A 180 -22.76 6.66 31.60
CA ALA A 180 -21.41 6.27 31.14
C ALA A 180 -21.59 4.92 30.44
N ASN A 181 -20.98 4.76 29.26
CA ASN A 181 -21.23 3.58 28.41
C ASN A 181 -20.08 2.58 28.34
N ALA A 182 -20.40 1.35 27.92
CA ALA A 182 -19.43 0.26 27.82
C ALA A 182 -18.54 0.40 26.59
N VAL A 183 -17.79 1.50 26.53
CA VAL A 183 -16.89 1.80 25.42
C VAL A 183 -15.50 2.16 25.96
N LEU A 184 -14.45 1.87 25.20
CA LEU A 184 -13.09 2.04 25.69
C LEU A 184 -12.80 3.40 26.34
N LYS A 185 -13.09 4.49 25.62
CA LYS A 185 -12.80 5.83 26.14
C LYS A 185 -13.47 6.08 27.51
N ASP A 186 -14.70 5.60 27.68
CA ASP A 186 -15.43 5.77 28.93
C ASP A 186 -14.86 4.87 30.02
N MET A 187 -14.56 3.63 29.68
CA MET A 187 -14.05 2.66 30.66
C MET A 187 -12.74 3.09 31.28
N TYR A 188 -11.90 3.73 30.45
CA TYR A 188 -10.56 4.16 30.84
C TYR A 188 -10.45 5.66 31.18
N ALA A 189 -11.60 6.31 31.28
CA ALA A 189 -11.66 7.77 31.50
C ALA A 189 -10.83 8.29 32.67
N ASN A 190 -10.74 7.49 33.74
CA ASN A 190 -9.98 7.88 34.93
C ASN A 190 -8.55 7.36 34.94
N TYR A 191 -8.13 6.83 33.79
CA TYR A 191 -6.85 6.17 33.67
C TYR A 191 -5.99 6.81 32.61
N PHE A 192 -6.49 6.84 31.37
CA PHE A 192 -5.76 7.40 30.22
C PHE A 192 -6.68 7.51 29.01
N ARG A 193 -6.29 8.33 28.03
CA ARG A 193 -6.97 8.30 26.75
C ARG A 193 -6.75 6.96 26.06
N VAL A 194 -7.72 6.57 25.26
CA VAL A 194 -7.58 5.34 24.48
C VAL A 194 -7.69 5.78 23.02
N GLY A 195 -6.65 5.52 22.25
CA GLY A 195 -6.54 6.06 20.92
C GLY A 195 -6.46 5.05 19.79
N SER A 196 -6.64 5.57 18.58
CA SER A 196 -6.46 4.78 17.37
C SER A 196 -5.88 5.71 16.33
N VAL A 197 -6.00 5.33 15.07
CA VAL A 197 -5.30 5.99 13.98
C VAL A 197 -6.31 6.17 12.84
N LEU A 198 -6.25 7.34 12.19
CA LEU A 198 -6.97 7.61 10.95
C LEU A 198 -5.95 7.92 9.87
N ASN A 199 -6.33 7.64 8.62
CA ASN A 199 -5.50 8.06 7.48
C ASN A 199 -6.43 8.49 6.34
N SER A 200 -5.83 8.95 5.24
CA SER A 200 -6.60 9.38 4.04
C SER A 200 -7.64 8.40 3.50
N GLY A 201 -7.35 7.11 3.58
CA GLY A 201 -8.32 6.12 3.13
C GLY A 201 -9.42 5.94 4.15
N THR A 202 -9.04 5.74 5.41
CA THR A 202 -10.03 5.36 6.44
C THR A 202 -11.04 6.46 6.77
N VAL A 203 -10.68 7.71 6.49
CA VAL A 203 -11.64 8.82 6.58
C VAL A 203 -13.04 8.50 5.97
N ASN A 204 -13.05 7.77 4.84
CA ASN A 204 -14.27 7.50 4.09
C ASN A 204 -15.15 6.37 4.60
N ASN A 205 -14.61 5.58 5.53
CA ASN A 205 -15.32 4.39 5.96
C ASN A 205 -16.31 4.71 7.09
N SER A 206 -17.59 4.75 6.75
CA SER A 206 -18.65 5.09 7.70
C SER A 206 -18.59 4.27 8.99
N SER A 207 -18.19 3.01 8.83
CA SER A 207 -18.20 2.01 9.89
C SER A 207 -17.06 2.32 10.85
N ILE A 208 -15.94 2.75 10.26
CA ILE A 208 -14.76 3.17 11.00
C ILE A 208 -15.06 4.48 11.73
N LYS A 209 -15.76 5.39 11.05
CA LYS A 209 -16.16 6.66 11.67
C LYS A 209 -17.02 6.42 12.92
N ALA A 210 -18.02 5.56 12.82
CA ALA A 210 -18.85 5.22 13.95
C ALA A 210 -18.04 4.60 15.08
N LEU A 211 -17.05 3.79 14.70
CA LEU A 211 -16.17 3.10 15.62
C LEU A 211 -15.37 4.10 16.41
N ILE A 212 -14.71 5.01 15.70
CA ILE A 212 -13.90 6.04 16.34
C ILE A 212 -14.76 6.86 17.30
N LEU A 213 -15.93 7.30 16.83
CA LEU A 213 -16.82 8.14 17.64
C LEU A 213 -17.29 7.42 18.89
N ARG A 214 -17.49 6.11 18.78
CA ARG A 214 -17.92 5.29 19.90
C ARG A 214 -16.81 4.97 20.92
N GLU A 215 -15.64 4.58 20.44
CA GLU A 215 -14.63 3.93 21.29
C GLU A 215 -13.43 4.78 21.71
N PHE A 216 -12.99 5.68 20.83
CA PHE A 216 -11.66 6.30 20.96
C PHE A 216 -11.74 7.80 21.23
N ASN A 217 -10.94 8.29 22.18
CA ASN A 217 -10.86 9.73 22.45
C ASN A 217 -9.51 10.34 22.10
N SER A 218 -8.71 9.57 21.37
CA SER A 218 -7.43 10.07 20.85
C SER A 218 -7.27 9.53 19.43
N ILE A 219 -6.69 10.36 18.54
CA ILE A 219 -6.39 9.95 17.18
C ILE A 219 -5.01 10.43 16.82
N THR A 220 -4.24 9.56 16.15
CA THR A 220 -2.96 9.95 15.52
C THR A 220 -3.14 9.81 14.01
N CYS A 221 -2.62 10.75 13.22
CA CYS A 221 -2.61 10.57 11.75
C CYS A 221 -1.55 9.55 11.39
N GLU A 222 -1.92 8.55 10.59
CA GLU A 222 -0.96 7.49 10.28
C GLU A 222 0.25 7.99 9.50
N ASN A 223 -0.01 8.91 8.57
CA ASN A 223 1.01 9.47 7.69
C ASN A 223 0.92 10.98 7.44
N GLU A 224 -0.27 11.54 7.68
CA GLU A 224 -0.63 12.87 7.15
C GLU A 224 0.02 14.04 7.88
N MET A 225 0.69 13.77 9.00
CA MET A 225 1.44 14.82 9.71
C MET A 225 2.94 14.57 9.72
N LYS A 226 3.40 13.58 8.95
CA LYS A 226 4.84 13.36 8.85
C LYS A 226 5.44 14.48 7.97
N PRO A 227 6.75 14.69 8.06
CA PRO A 227 7.36 15.80 7.28
C PRO A 227 7.08 15.74 5.77
N ASP A 228 7.11 14.54 5.18
CA ASP A 228 6.88 14.47 3.73
C ASP A 228 5.43 14.79 3.32
N ALA A 229 4.52 14.71 4.28
CA ALA A 229 3.13 15.09 4.07
C ALA A 229 2.85 16.56 4.42
N THR A 230 3.78 17.23 5.11
CA THR A 230 3.52 18.60 5.59
C THR A 230 4.46 19.65 5.01
N LEU A 231 5.68 19.26 4.71
CA LEU A 231 6.65 20.17 4.10
C LEU A 231 6.23 20.56 2.68
N VAL A 232 6.38 21.85 2.35
CA VAL A 232 6.05 22.35 1.01
C VAL A 232 7.35 22.89 0.42
N GLN A 233 7.83 22.22 -0.64
CA GLN A 233 9.09 22.55 -1.30
C GLN A 233 9.09 23.93 -1.95
N SER A 234 8.10 24.18 -2.81
CA SER A 234 8.05 25.43 -3.56
C SER A 234 7.97 26.66 -2.64
N GLY A 235 8.92 27.58 -2.80
CA GLY A 235 8.97 28.81 -2.02
C GLY A 235 9.58 28.72 -0.63
N SER A 236 9.94 27.50 -0.20
CA SER A 236 10.64 27.34 1.10
C SER A 236 12.03 28.00 1.05
N THR A 237 12.44 28.56 2.19
CA THR A 237 13.76 29.18 2.37
C THR A 237 14.29 28.58 3.67
N ASN A 238 15.58 28.80 3.97
CA ASN A 238 16.19 28.26 5.20
C ASN A 238 15.50 28.70 6.50
N THR A 239 15.03 29.94 6.53
CA THR A 239 14.38 30.46 7.73
C THR A 239 12.86 30.58 7.62
N ASN A 240 12.31 30.14 6.49
CA ASN A 240 10.86 30.07 6.34
C ASN A 240 10.51 28.84 5.51
N ILE A 241 10.38 27.72 6.22
CA ILE A 241 10.01 26.47 5.64
C ILE A 241 8.49 26.44 5.55
N ARG A 242 7.97 26.34 4.34
CA ARG A 242 6.52 26.32 4.15
C ARG A 242 5.99 24.95 4.56
N VAL A 243 4.84 24.97 5.25
CA VAL A 243 4.16 23.74 5.68
C VAL A 243 2.70 23.80 5.22
N SER A 244 2.07 22.64 5.14
CA SER A 244 0.69 22.55 4.76
C SER A 244 0.03 21.50 5.62
N LEU A 245 -1.16 21.82 6.12
CA LEU A 245 -2.00 20.86 6.83
C LEU A 245 -3.01 20.17 5.91
N ASN A 246 -2.87 20.35 4.60
CA ASN A 246 -3.90 19.89 3.65
C ASN A 246 -4.13 18.38 3.69
N ARG A 247 -3.05 17.61 3.85
CA ARG A 247 -3.18 16.15 3.89
C ARG A 247 -3.94 15.74 5.14
N ALA A 248 -3.69 16.46 6.24
CA ALA A 248 -4.28 16.11 7.53
C ALA A 248 -5.61 16.82 7.84
N ALA A 249 -6.00 17.79 7.01
CA ALA A 249 -7.11 18.70 7.32
C ALA A 249 -8.44 18.00 7.70
N SER A 250 -8.84 16.99 6.91
CA SER A 250 -10.15 16.37 7.15
C SER A 250 -10.14 15.59 8.47
N ILE A 251 -8.99 15.00 8.81
CA ILE A 251 -8.82 14.31 10.09
C ILE A 251 -8.82 15.31 11.26
N LEU A 252 -8.00 16.36 11.18
CA LEU A 252 -7.99 17.35 12.26
C LEU A 252 -9.36 17.98 12.45
N ASN A 253 -10.04 18.28 11.34
CA ASN A 253 -11.37 18.85 11.39
C ASN A 253 -12.39 17.93 12.09
N PHE A 254 -12.41 16.65 11.71
CA PHE A 254 -13.29 15.65 12.34
C PHE A 254 -13.04 15.52 13.85
N CYS A 255 -11.76 15.49 14.24
CA CYS A 255 -11.39 15.32 15.64
C CYS A 255 -11.78 16.55 16.44
N ALA A 256 -11.44 17.74 15.94
CA ALA A 256 -11.79 19.00 16.59
C ALA A 256 -13.31 19.10 16.80
N GLN A 257 -14.08 18.70 15.80
CA GLN A 257 -15.53 18.80 15.86
C GLN A 257 -16.17 17.78 16.83
N ASN A 258 -15.47 16.68 17.09
CA ASN A 258 -16.01 15.61 17.88
C ASN A 258 -15.32 15.42 19.21
N ASN A 259 -14.52 16.42 19.61
N ASN A 259 -14.56 16.44 19.61
CA ASN A 259 -13.86 16.41 20.92
CA ASN A 259 -13.80 16.43 20.85
C ASN A 259 -12.89 15.21 21.08
C ASN A 259 -13.03 15.11 20.99
N ILE A 260 -12.16 14.90 20.00
CA ILE A 260 -11.24 13.79 20.00
C ILE A 260 -9.89 14.48 20.02
N ALA A 261 -9.04 14.14 21.00
CA ALA A 261 -7.73 14.74 21.08
C ALA A 261 -6.79 14.11 20.04
N VAL A 262 -5.76 14.84 19.63
CA VAL A 262 -4.83 14.38 18.59
C VAL A 262 -3.39 14.38 19.12
N ARG A 263 -2.67 13.28 18.83
CA ARG A 263 -1.23 13.25 19.04
C ARG A 263 -0.61 13.63 17.71
N GLY A 264 0.20 14.67 17.71
CA GLY A 264 1.01 15.01 16.54
C GLY A 264 2.12 13.99 16.25
N HIS A 265 2.25 13.62 14.99
CA HIS A 265 3.22 12.59 14.59
C HIS A 265 3.67 12.92 13.16
N THR A 266 4.92 13.36 12.96
CA THR A 266 5.99 13.48 13.95
C THR A 266 6.94 14.54 13.38
N LEU A 267 7.63 15.27 14.25
CA LEU A 267 8.42 16.42 13.77
C LEU A 267 9.76 16.06 13.15
N VAL A 268 10.38 14.99 13.66
CA VAL A 268 11.72 14.59 13.28
C VAL A 268 11.78 13.06 13.17
N TRP A 269 12.14 12.54 11.99
CA TRP A 269 12.24 11.11 11.77
C TRP A 269 13.23 10.89 10.61
N HIS A 270 14.01 9.81 10.64
CA HIS A 270 14.89 9.48 9.51
C HIS A 270 14.07 9.03 8.29
N SER A 271 12.83 8.61 8.53
CA SER A 271 11.98 8.13 7.45
C SER A 271 10.90 9.16 7.08
N GLN A 272 10.25 8.94 5.93
CA GLN A 272 9.18 9.79 5.41
C GLN A 272 9.45 11.28 5.55
N THR A 273 10.64 11.66 5.12
CA THR A 273 11.08 13.05 5.09
C THR A 273 11.79 13.26 3.76
N PRO A 274 11.39 14.28 2.98
CA PRO A 274 11.97 14.46 1.65
C PRO A 274 13.47 14.73 1.74
N GLN A 275 14.23 14.14 0.82
CA GLN A 275 15.67 14.33 0.81
C GLN A 275 16.04 15.81 0.65
N TRP A 276 15.26 16.55 -0.15
CA TRP A 276 15.51 17.98 -0.42
C TRP A 276 15.57 18.87 0.84
N PHE A 277 14.92 18.44 1.91
CA PHE A 277 14.84 19.19 3.16
C PHE A 277 16.23 19.34 3.76
N PHE A 278 17.13 18.42 3.39
CA PHE A 278 18.51 18.42 3.88
C PHE A 278 19.55 18.93 2.87
N LYS A 279 19.09 19.42 1.72
CA LYS A 279 19.99 19.84 0.64
C LYS A 279 19.98 21.34 0.39
N ASP A 280 21.15 21.88 0.04
CA ASP A 280 21.38 23.32 -0.06
C ASP A 280 20.42 24.03 -1.02
N ASN A 281 20.13 23.39 -2.15
CA ASN A 281 19.28 24.00 -3.18
C ASN A 281 17.82 23.55 -3.09
N PHE A 282 17.44 22.96 -1.95
CA PHE A 282 16.10 22.43 -1.80
C PHE A 282 15.73 21.48 -2.95
N GLN A 283 16.73 20.74 -3.44
CA GLN A 283 16.48 19.64 -4.36
C GLN A 283 17.01 18.36 -3.80
N ASP A 284 16.34 17.25 -4.11
CA ASP A 284 16.78 15.93 -3.63
C ASP A 284 18.26 15.68 -3.93
N ASN A 285 18.71 16.16 -5.10
CA ASN A 285 20.07 15.97 -5.61
C ASN A 285 21.09 17.03 -5.18
N GLY A 286 20.70 18.00 -4.37
CA GLY A 286 21.62 19.06 -3.94
C GLY A 286 22.68 18.55 -2.98
N ASN A 287 23.46 19.47 -2.43
CA ASN A 287 24.50 19.12 -1.46
C ASN A 287 24.00 19.19 -0.03
N TRP A 288 24.40 18.24 0.80
CA TRP A 288 24.02 18.25 2.21
C TRP A 288 24.33 19.60 2.82
N VAL A 289 23.37 20.15 3.58
CA VAL A 289 23.52 21.46 4.23
C VAL A 289 24.45 21.37 5.45
N SER A 290 24.94 22.53 5.89
CA SER A 290 25.68 22.63 7.14
C SER A 290 24.73 22.48 8.31
N GLN A 291 25.30 22.30 9.50
CA GLN A 291 24.52 22.17 10.73
C GLN A 291 23.80 23.47 11.07
N SER A 292 24.43 24.61 10.84
CA SER A 292 23.75 25.86 11.15
C SER A 292 22.59 26.17 10.18
N VAL A 293 22.71 25.76 8.92
CA VAL A 293 21.60 25.91 7.99
C VAL A 293 20.48 24.95 8.41
N MET A 294 20.84 23.73 8.79
CA MET A 294 19.84 22.76 9.20
C MET A 294 19.10 23.14 10.49
N ASP A 295 19.80 23.80 11.42
CA ASP A 295 19.17 24.35 12.62
C ASP A 295 18.09 25.37 12.28
N GLN A 296 18.32 26.18 11.25
CA GLN A 296 17.33 27.15 10.83
C GLN A 296 16.10 26.43 10.28
N ARG A 297 16.35 25.44 9.42
CA ARG A 297 15.27 24.70 8.75
C ARG A 297 14.46 23.89 9.76
N LEU A 298 15.17 23.28 10.71
CA LEU A 298 14.54 22.53 11.82
C LEU A 298 13.64 23.45 12.66
N GLU A 299 14.16 24.59 13.11
CA GLU A 299 13.37 25.49 13.93
C GLU A 299 12.17 26.05 13.17
N SER A 300 12.40 26.46 11.92
CA SER A 300 11.32 26.98 11.06
C SER A 300 10.21 25.95 10.85
N TYR A 301 10.59 24.70 10.57
CA TYR A 301 9.59 23.67 10.39
C TYR A 301 8.73 23.46 11.64
N ILE A 302 9.39 23.38 12.80
CA ILE A 302 8.69 23.15 14.07
C ILE A 302 7.80 24.35 14.38
N LYS A 303 8.37 25.54 14.29
CA LYS A 303 7.62 26.76 14.52
C LYS A 303 6.37 26.84 13.63
N ASN A 304 6.55 26.62 12.33
CA ASN A 304 5.45 26.78 11.37
C ASN A 304 4.40 25.68 11.49
N MET A 305 4.82 24.48 11.89
CA MET A 305 3.84 23.41 12.16
C MET A 305 2.89 23.81 13.29
N PHE A 306 3.46 24.19 14.43
CA PHE A 306 2.63 24.62 15.55
C PHE A 306 1.81 25.86 15.23
N ALA A 307 2.41 26.83 14.52
CA ALA A 307 1.65 28.03 14.14
C ALA A 307 0.42 27.71 13.29
N GLU A 308 0.58 26.80 12.33
CA GLU A 308 -0.49 26.47 11.41
C GLU A 308 -1.61 25.70 12.09
N ILE A 309 -1.25 24.75 12.96
CA ILE A 309 -2.24 24.00 13.74
C ILE A 309 -3.08 24.99 14.56
N GLN A 310 -2.43 25.96 15.19
CA GLN A 310 -3.13 26.96 15.99
C GLN A 310 -3.98 27.89 15.13
N ARG A 311 -3.47 28.27 13.95
CA ARG A 311 -4.19 29.18 13.04
C ARG A 311 -5.46 28.52 12.49
N GLN A 312 -5.34 27.27 12.07
CA GLN A 312 -6.39 26.58 11.36
C GLN A 312 -7.34 25.76 12.24
N TYR A 313 -6.82 25.18 13.33
CA TYR A 313 -7.61 24.28 14.22
C TYR A 313 -7.36 24.63 15.67
N PRO A 314 -7.63 25.88 16.06
CA PRO A 314 -7.42 26.30 17.44
C PRO A 314 -8.24 25.52 18.46
N SER A 315 -9.38 24.97 18.04
CA SER A 315 -10.22 24.25 19.00
C SER A 315 -9.76 22.81 19.15
N LEU A 316 -8.85 22.35 18.28
CA LEU A 316 -8.23 21.05 18.43
C LEU A 316 -7.41 20.89 19.71
N ASN A 317 -7.66 19.79 20.43
CA ASN A 317 -6.87 19.43 21.59
C ASN A 317 -5.65 18.62 21.14
N LEU A 318 -4.59 19.35 20.79
CA LEU A 318 -3.31 18.76 20.41
C LEU A 318 -2.58 18.43 21.70
N TYR A 319 -2.85 17.26 22.27
CA TYR A 319 -2.44 16.96 23.66
C TYR A 319 -1.03 16.35 23.81
N ALA A 320 -0.47 15.94 22.68
CA ALA A 320 0.88 15.39 22.63
C ALA A 320 1.46 15.56 21.25
N TYR A 321 2.79 15.46 21.18
CA TYR A 321 3.49 15.47 19.91
C TYR A 321 4.73 14.60 20.03
N ASP A 322 4.92 13.70 19.07
CA ASP A 322 6.17 12.96 18.94
C ASP A 322 7.16 13.90 18.26
N VAL A 323 7.96 14.59 19.06
CA VAL A 323 8.94 15.56 18.58
C VAL A 323 10.07 14.87 17.81
N VAL A 324 10.60 13.76 18.35
CA VAL A 324 11.61 12.95 17.66
C VAL A 324 11.14 11.50 17.71
N ASN A 325 11.25 10.83 16.56
CA ASN A 325 10.74 9.49 16.36
C ASN A 325 11.91 8.57 16.01
N ALA A 326 12.05 7.48 16.76
CA ALA A 326 12.89 6.35 16.38
C ALA A 326 14.32 6.75 15.99
N ALA A 327 14.98 7.54 16.84
CA ALA A 327 16.35 7.98 16.54
C ALA A 327 17.42 7.03 17.06
N VAL A 328 17.03 6.13 17.95
CA VAL A 328 17.99 5.18 18.52
C VAL A 328 18.15 3.96 17.62
N SER A 329 19.41 3.62 17.34
CA SER A 329 19.74 2.43 16.57
C SER A 329 19.33 1.10 17.23
N ASP A 330 18.90 0.14 16.40
CA ASP A 330 18.67 -1.27 16.80
C ASP A 330 20.00 -2.02 16.92
N ASP A 331 21.06 -1.44 16.39
CA ASP A 331 22.38 -2.04 16.38
C ASP A 331 23.11 -1.76 17.70
N ALA A 332 23.35 -2.83 18.49
CA ALA A 332 23.96 -2.73 19.83
C ALA A 332 25.34 -2.06 19.84
N ASN A 333 26.02 -2.14 18.69
CA ASN A 333 27.31 -1.51 18.49
C ASN A 333 27.18 0.01 18.45
N ARG A 334 26.09 0.50 17.87
CA ARG A 334 25.83 1.93 17.78
C ARG A 334 25.35 2.49 19.11
N THR A 335 24.53 1.73 19.84
CA THR A 335 24.11 2.16 21.17
C THR A 335 25.29 2.10 22.12
N ARG A 336 26.16 1.10 21.95
CA ARG A 336 27.38 0.98 22.73
C ARG A 336 28.37 2.10 22.41
N TYR A 337 28.74 2.24 21.14
CA TYR A 337 29.87 3.12 20.77
C TYR A 337 29.53 4.47 20.12
N TYR A 338 28.30 4.65 19.64
CA TYR A 338 27.95 5.86 18.91
C TYR A 338 26.79 6.63 19.51
N GLY A 339 26.52 6.45 20.81
CA GLY A 339 25.43 7.15 21.50
C GLY A 339 24.04 6.87 20.96
N GLY A 340 23.87 5.67 20.37
CA GLY A 340 22.61 5.27 19.77
C GLY A 340 22.29 5.84 18.41
N ALA A 341 23.23 6.60 17.82
CA ALA A 341 22.98 7.21 16.50
C ALA A 341 22.82 6.16 15.42
N ARG A 342 21.85 6.36 14.52
CA ARG A 342 21.74 5.53 13.32
C ARG A 342 22.96 5.81 12.42
N GLU A 343 23.15 5.00 11.38
CA GLU A 343 24.19 5.27 10.40
C GLU A 343 23.73 6.44 9.54
N PRO A 344 24.65 7.36 9.20
CA PRO A 344 24.27 8.54 8.43
C PRO A 344 23.88 8.17 6.99
N GLY A 345 22.95 8.93 6.40
CA GLY A 345 22.57 8.70 5.02
C GLY A 345 21.08 8.80 4.82
N TYR A 346 20.58 8.13 3.79
CA TYR A 346 19.18 8.25 3.41
C TYR A 346 18.69 6.87 2.95
N GLY A 347 17.58 6.41 3.54
CA GLY A 347 17.00 5.08 3.26
C GLY A 347 17.67 3.93 3.99
N ASN A 348 17.22 2.69 3.72
CA ASN A 348 17.67 1.47 4.44
C ASN A 348 17.86 1.61 5.98
N GLY A 349 17.12 2.51 6.63
CA GLY A 349 17.20 2.76 8.07
C GLY A 349 18.31 3.71 8.48
N ARG A 350 19.00 4.29 7.50
CA ARG A 350 20.01 5.33 7.74
C ARG A 350 19.34 6.68 8.01
N SER A 351 20.08 7.58 8.66
CA SER A 351 19.52 8.86 9.10
C SER A 351 20.11 10.09 8.39
N PRO A 352 19.27 10.87 7.69
CA PRO A 352 19.77 12.16 7.15
C PRO A 352 20.06 13.16 8.27
N TRP A 353 19.40 13.01 9.42
CA TRP A 353 19.69 13.82 10.60
C TRP A 353 21.12 13.55 11.12
N VAL A 354 21.50 12.27 11.16
CA VAL A 354 22.86 11.90 11.56
C VAL A 354 23.84 12.32 10.46
N GLN A 355 23.43 12.24 9.20
CA GLN A 355 24.26 12.72 8.08
C GLN A 355 24.70 14.19 8.24
N ILE A 356 23.76 15.06 8.65
CA ILE A 356 24.04 16.49 8.87
C ILE A 356 24.77 16.73 10.19
N TYR A 357 24.26 16.16 11.28
CA TYR A 357 24.74 16.49 12.63
C TYR A 357 25.85 15.58 13.14
N GLY A 358 26.03 14.45 12.45
CA GLY A 358 27.12 13.50 12.74
C GLY A 358 26.82 12.54 13.87
N ASP A 359 25.65 12.67 14.47
CA ASP A 359 25.52 12.49 15.90
C ASP A 359 24.04 12.58 16.23
N ASN A 360 23.61 12.07 17.40
CA ASN A 360 22.23 12.33 17.89
C ASN A 360 22.05 13.69 18.61
N LYS A 361 22.96 14.64 18.40
CA LYS A 361 22.83 15.98 18.99
C LYS A 361 21.57 16.74 18.54
N PHE A 362 20.98 16.35 17.42
CA PHE A 362 19.83 17.04 16.88
C PHE A 362 18.58 16.79 17.74
N ILE A 363 18.59 15.71 18.53
CA ILE A 363 17.45 15.39 19.38
C ILE A 363 17.14 16.52 20.38
N GLU A 364 18.13 16.96 21.14
CA GLU A 364 17.91 17.98 22.14
C GLU A 364 17.52 19.31 21.48
N LYS A 365 18.10 19.57 20.31
CA LYS A 365 17.78 20.78 19.55
C LYS A 365 16.29 20.79 19.15
N ALA A 366 15.80 19.64 18.68
CA ALA A 366 14.42 19.51 18.26
C ALA A 366 13.47 19.78 19.44
N PHE A 367 13.77 19.20 20.60
CA PHE A 367 12.99 19.42 21.82
C PHE A 367 13.04 20.85 22.31
N THR A 368 14.20 21.47 22.21
CA THR A 368 14.33 22.87 22.56
C THR A 368 13.38 23.76 21.73
N TYR A 369 13.41 23.59 20.40
CA TYR A 369 12.50 24.35 19.53
C TYR A 369 11.04 24.02 19.80
N ALA A 370 10.74 22.74 19.96
CA ALA A 370 9.36 22.34 20.20
C ALA A 370 8.84 22.96 21.50
N ARG A 371 9.68 22.98 22.54
CA ARG A 371 9.31 23.59 23.80
C ARG A 371 8.99 25.07 23.64
N LYS A 372 9.68 25.72 22.71
CA LYS A 372 9.48 27.13 22.44
C LYS A 372 8.13 27.43 21.78
N TYR A 373 7.69 26.56 20.88
CA TYR A 373 6.55 26.86 20.02
C TYR A 373 5.28 26.08 20.33
N ALA A 374 5.41 24.94 21.00
CA ALA A 374 4.25 24.10 21.32
C ALA A 374 3.27 24.77 22.28
N PRO A 375 1.95 24.50 22.12
CA PRO A 375 1.03 25.00 23.14
C PRO A 375 1.38 24.37 24.50
N ALA A 376 1.01 25.04 25.58
CA ALA A 376 1.41 24.62 26.91
C ALA A 376 0.84 23.26 27.24
N ASN A 377 -0.31 22.93 26.67
CA ASN A 377 -0.91 21.66 26.97
C ASN A 377 -0.49 20.55 26.02
N CYS A 378 0.38 20.86 25.07
CA CYS A 378 0.89 19.84 24.18
C CYS A 378 2.12 19.21 24.82
N LYS A 379 2.01 17.95 25.24
CA LYS A 379 3.09 17.26 25.93
C LYS A 379 4.04 16.68 24.89
N LEU A 380 5.34 16.87 25.13
CA LEU A 380 6.36 16.53 24.16
C LEU A 380 6.95 15.14 24.42
N TYR A 381 6.91 14.31 23.39
CA TYR A 381 7.27 12.90 23.48
C TYR A 381 8.47 12.53 22.61
N TYR A 382 9.35 11.70 23.18
CA TYR A 382 10.35 10.97 22.40
C TYR A 382 9.73 9.59 22.18
N ASN A 383 9.62 9.14 20.92
CA ASN A 383 8.84 7.95 20.55
C ASN A 383 9.75 6.88 19.88
N ASP A 384 9.71 5.62 20.33
CA ASP A 384 10.56 4.60 19.74
C ASP A 384 9.99 3.19 19.84
N TYR A 385 10.46 2.29 18.97
CA TYR A 385 10.04 0.89 18.92
C TYR A 385 11.19 0.01 19.44
N ASN A 386 10.94 -1.30 19.64
CA ASN A 386 11.93 -2.21 20.27
C ASN A 386 12.40 -1.59 21.58
N GLU A 387 11.50 -0.88 22.24
CA GLU A 387 11.81 -0.08 23.41
C GLU A 387 11.97 -0.89 24.72
N TYR A 388 11.75 -2.21 24.62
CA TYR A 388 11.86 -3.17 25.70
C TYR A 388 13.08 -4.09 25.48
N TRP A 389 13.83 -3.83 24.41
CA TRP A 389 15.06 -4.56 24.09
C TRP A 389 16.21 -3.92 24.87
N ASP A 390 16.78 -4.66 25.82
CA ASP A 390 17.76 -4.10 26.79
C ASP A 390 18.67 -2.97 26.30
N HIS A 391 19.51 -3.29 25.32
CA HIS A 391 20.54 -2.37 24.83
C HIS A 391 19.90 -1.10 24.27
N LYS A 392 18.76 -1.25 23.59
CA LYS A 392 18.08 -0.11 23.00
C LYS A 392 17.30 0.66 24.08
N ARG A 393 16.57 -0.07 24.93
CA ARG A 393 15.84 0.49 26.08
C ARG A 393 16.72 1.35 26.96
N ASP A 394 17.92 0.87 27.27
CA ASP A 394 18.81 1.61 28.17
C ASP A 394 19.24 2.92 27.53
N CYS A 395 19.45 2.88 26.22
CA CYS A 395 19.84 4.05 25.47
C CYS A 395 18.69 5.08 25.38
N ILE A 396 17.49 4.63 24.99
CA ILE A 396 16.28 5.46 25.01
C ILE A 396 16.06 6.15 26.37
N ALA A 397 16.19 5.39 27.45
CA ALA A 397 15.93 5.86 28.81
C ALA A 397 16.98 6.89 29.22
N SER A 398 18.20 6.71 28.74
CA SER A 398 19.26 7.66 29.05
C SER A 398 19.02 9.00 28.36
N ILE A 399 18.68 8.94 27.07
CA ILE A 399 18.34 10.13 26.28
CA ILE A 399 18.35 10.14 26.29
C ILE A 399 17.17 10.89 26.93
N CYS A 400 16.08 10.18 27.21
CA CYS A 400 14.87 10.78 27.76
C CYS A 400 15.03 11.29 29.19
N ALA A 401 15.75 10.57 30.04
CA ALA A 401 16.06 11.07 31.38
C ALA A 401 16.78 12.41 31.30
N ASN A 402 17.75 12.50 30.41
CA ASN A 402 18.52 13.73 30.23
C ASN A 402 17.63 14.89 29.74
N LEU A 403 16.83 14.65 28.71
CA LEU A 403 15.89 15.66 28.21
C LEU A 403 14.87 16.08 29.28
N TYR A 404 14.33 15.09 29.99
CA TYR A 404 13.32 15.32 31.02
C TYR A 404 13.86 16.23 32.11
N ASN A 405 15.06 15.93 32.59
CA ASN A 405 15.68 16.70 33.64
C ASN A 405 16.12 18.08 33.21
N LYS A 406 16.29 18.27 31.91
CA LYS A 406 16.53 19.61 31.35
C LYS A 406 15.23 20.38 31.09
N GLY A 407 14.09 19.77 31.42
CA GLY A 407 12.78 20.39 31.22
C GLY A 407 12.28 20.40 29.78
N LEU A 408 12.84 19.55 28.94
CA LEU A 408 12.55 19.57 27.50
C LEU A 408 11.55 18.50 27.06
N LEU A 409 11.40 17.45 27.86
CA LEU A 409 10.61 16.28 27.47
C LEU A 409 9.57 15.97 28.54
N ASP A 410 8.37 15.59 28.11
CA ASP A 410 7.28 15.23 29.04
C ASP A 410 7.05 13.73 29.18
N GLY A 411 7.32 12.98 28.12
CA GLY A 411 7.16 11.54 28.25
C GLY A 411 7.89 10.73 27.20
N VAL A 412 7.92 9.42 27.44
CA VAL A 412 8.46 8.44 26.49
C VAL A 412 7.29 7.80 25.80
N GLY A 413 7.35 7.75 24.48
CA GLY A 413 6.38 7.02 23.70
C GLY A 413 6.87 5.60 23.46
N MET A 414 6.14 4.64 24.01
CA MET A 414 6.44 3.23 23.75
C MET A 414 5.60 2.75 22.57
N GLN A 415 6.22 2.66 21.38
CA GLN A 415 5.46 2.33 20.17
C GLN A 415 4.73 1.00 20.30
N SER A 416 5.32 0.03 21.01
CA SER A 416 4.68 -1.24 21.32
C SER A 416 4.23 -2.02 20.07
N HIS A 417 5.11 -2.06 19.09
CA HIS A 417 4.97 -2.99 17.97
C HIS A 417 5.45 -4.38 18.38
N ILE A 418 4.54 -5.11 19.05
CA ILE A 418 4.90 -6.34 19.75
C ILE A 418 4.20 -7.54 19.09
N ASN A 419 4.52 -8.75 19.51
CA ASN A 419 3.83 -9.91 18.98
C ASN A 419 2.93 -10.48 20.09
N ALA A 420 2.21 -11.56 19.79
CA ALA A 420 1.23 -12.10 20.71
C ALA A 420 1.80 -13.03 21.78
N ASP A 421 3.12 -13.10 21.89
CA ASP A 421 3.76 -14.04 22.80
C ASP A 421 3.96 -13.41 24.16
N MET A 422 3.48 -14.07 25.22
CA MET A 422 3.71 -13.59 26.59
C MET A 422 5.19 -13.72 26.98
N ASN A 423 5.90 -14.59 26.27
CA ASN A 423 7.32 -14.83 26.47
C ASN A 423 8.19 -14.14 25.41
N GLY A 424 9.49 -14.06 25.65
CA GLY A 424 10.43 -13.67 24.61
C GLY A 424 10.71 -12.20 24.46
N PHE A 425 11.06 -11.81 23.24
CA PHE A 425 11.63 -10.53 22.92
C PHE A 425 10.75 -9.35 23.37
N SER A 426 9.46 -9.41 23.06
CA SER A 426 8.54 -8.39 23.51
C SER A 426 7.55 -9.00 24.48
N GLY A 427 8.00 -9.97 25.29
CA GLY A 427 7.13 -10.65 26.24
C GLY A 427 6.75 -9.72 27.38
N ILE A 428 5.80 -10.14 28.21
CA ILE A 428 5.29 -9.27 29.27
C ILE A 428 6.36 -8.86 30.30
N GLN A 429 7.33 -9.73 30.56
CA GLN A 429 8.43 -9.41 31.49
C GLN A 429 9.24 -8.24 30.96
N ASN A 430 9.72 -8.36 29.72
CA ASN A 430 10.49 -7.30 29.07
C ASN A 430 9.68 -6.03 28.96
N TYR A 431 8.42 -6.16 28.57
CA TYR A 431 7.56 -5.02 28.35
C TYR A 431 7.34 -4.20 29.65
N LYS A 432 6.98 -4.89 30.73
CA LYS A 432 6.79 -4.25 32.04
C LYS A 432 8.07 -3.66 32.61
N ALA A 433 9.20 -4.34 32.40
CA ALA A 433 10.48 -3.79 32.89
C ALA A 433 10.72 -2.43 32.24
N ALA A 434 10.48 -2.34 30.95
CA ALA A 434 10.66 -1.11 30.19
C ALA A 434 9.67 -0.04 30.61
N LEU A 435 8.38 -0.39 30.69
CA LEU A 435 7.35 0.54 31.19
C LEU A 435 7.76 1.14 32.52
N GLN A 436 8.10 0.27 33.48
CA GLN A 436 8.51 0.70 34.81
C GLN A 436 9.75 1.59 34.76
N LYS A 437 10.75 1.20 33.96
CA LYS A 437 11.99 1.98 33.87
C LYS A 437 11.75 3.38 33.31
N TYR A 438 10.86 3.52 32.33
CA TYR A 438 10.56 4.87 31.81
C TYR A 438 9.76 5.67 32.81
N ILE A 439 8.78 5.03 33.43
CA ILE A 439 7.98 5.68 34.48
C ILE A 439 8.87 6.19 35.61
N ASN A 440 9.85 5.37 35.98
CA ASN A 440 10.81 5.73 37.01
C ASN A 440 11.69 6.95 36.69
N ILE A 441 11.74 7.38 35.43
CA ILE A 441 12.43 8.62 35.10
C ILE A 441 11.74 9.80 35.82
N GLY A 442 10.42 9.73 35.97
CA GLY A 442 9.63 10.83 36.52
C GLY A 442 8.73 11.45 35.48
N CYS A 443 9.01 11.17 34.21
CA CYS A 443 8.20 11.62 33.10
C CYS A 443 7.00 10.68 32.93
N ASP A 444 6.10 11.03 32.00
CA ASP A 444 4.96 10.18 31.68
C ASP A 444 5.31 9.19 30.57
N VAL A 445 4.41 8.25 30.35
CA VAL A 445 4.54 7.33 29.25
C VAL A 445 3.26 7.35 28.44
N GLN A 446 3.40 7.18 27.13
CA GLN A 446 2.25 6.86 26.31
C GLN A 446 2.60 5.62 25.54
N ILE A 447 1.65 4.70 25.46
CA ILE A 447 1.77 3.55 24.58
C ILE A 447 1.13 4.00 23.28
N THR A 448 1.99 4.27 22.27
CA THR A 448 1.61 5.11 21.15
C THR A 448 1.15 4.42 19.87
N GLU A 449 1.63 3.21 19.60
CA GLU A 449 1.35 2.54 18.32
C GLU A 449 1.12 1.05 18.54
N LEU A 450 0.45 0.70 19.64
CA LEU A 450 0.28 -0.68 20.04
C LEU A 450 -0.35 -1.48 18.91
N ASP A 451 0.34 -2.53 18.49
CA ASP A 451 -0.31 -3.60 17.71
C ASP A 451 0.31 -4.93 18.10
N ILE A 452 -0.45 -6.01 17.93
CA ILE A 452 -0.04 -7.29 18.48
C ILE A 452 -0.11 -8.36 17.42
N SER A 453 1.02 -8.56 16.76
CA SER A 453 1.08 -9.45 15.59
C SER A 453 0.87 -10.92 15.96
N THR A 454 -0.01 -11.59 15.20
CA THR A 454 -0.15 -13.05 15.29
C THR A 454 0.97 -13.78 14.53
N GLU A 455 1.81 -13.03 13.82
CA GLU A 455 2.93 -13.58 13.02
C GLU A 455 2.43 -14.60 12.02
N ASN A 456 1.53 -14.13 11.16
CA ASN A 456 0.97 -14.94 10.08
C ASN A 456 0.27 -16.19 10.59
N GLY A 457 -0.47 -16.04 11.69
CA GLY A 457 -1.24 -17.15 12.26
C GLY A 457 -0.47 -18.05 13.22
N LYS A 458 0.79 -17.72 13.50
CA LYS A 458 1.61 -18.50 14.45
C LYS A 458 0.93 -18.50 15.84
N PHE A 459 0.37 -17.34 16.22
CA PHE A 459 -0.33 -17.18 17.50
C PHE A 459 -1.85 -17.13 17.34
N SER A 460 -2.54 -17.65 18.35
CA SER A 460 -4.00 -17.66 18.47
C SER A 460 -4.58 -16.29 18.82
N LEU A 461 -5.88 -16.12 18.63
CA LEU A 461 -6.58 -14.90 19.02
C LEU A 461 -6.71 -14.76 20.54
N GLN A 462 -6.75 -15.88 21.26
CA GLN A 462 -6.80 -15.80 22.72
C GLN A 462 -5.42 -15.42 23.22
N GLN A 463 -4.38 -15.93 22.58
CA GLN A 463 -3.02 -15.48 22.88
C GLN A 463 -2.90 -13.96 22.65
N GLN A 464 -3.41 -13.49 21.52
CA GLN A 464 -3.42 -12.07 21.28
C GLN A 464 -4.24 -11.33 22.35
N ALA A 465 -5.41 -11.86 22.68
CA ALA A 465 -6.27 -11.24 23.68
C ALA A 465 -5.51 -11.12 25.00
N ASP A 466 -4.74 -12.17 25.31
CA ASP A 466 -3.97 -12.23 26.53
C ASP A 466 -2.86 -11.19 26.57
N LYS A 467 -2.19 -10.96 25.43
CA LYS A 467 -1.20 -9.89 25.38
C LYS A 467 -1.79 -8.51 25.52
N TYR A 468 -2.91 -8.26 24.85
CA TYR A 468 -3.59 -6.96 24.92
C TYR A 468 -3.99 -6.64 26.34
N LYS A 469 -4.60 -7.61 27.00
CA LYS A 469 -5.05 -7.48 28.35
C LYS A 469 -3.85 -7.26 29.28
N ALA A 470 -2.76 -8.00 29.03
CA ALA A 470 -1.53 -7.84 29.81
C ALA A 470 -0.97 -6.41 29.70
N VAL A 471 -0.97 -5.85 28.50
CA VAL A 471 -0.45 -4.51 28.23
C VAL A 471 -1.33 -3.45 28.87
N PHE A 472 -2.64 -3.54 28.69
CA PHE A 472 -3.59 -2.58 29.30
C PHE A 472 -3.56 -2.68 30.83
N GLN A 473 -3.52 -3.91 31.37
CA GLN A 473 -3.39 -4.10 32.81
C GLN A 473 -2.09 -3.50 33.39
N ALA A 474 -0.96 -3.73 32.71
CA ALA A 474 0.31 -3.11 33.08
C ALA A 474 0.21 -1.58 33.19
N ALA A 475 -0.44 -0.94 32.22
CA ALA A 475 -0.61 0.52 32.26
C ALA A 475 -1.53 0.93 33.42
N VAL A 476 -2.63 0.21 33.61
CA VAL A 476 -3.53 0.44 34.75
C VAL A 476 -2.77 0.32 36.07
N ASP A 477 -1.93 -0.71 36.19
CA ASP A 477 -1.15 -0.93 37.40
C ASP A 477 -0.20 0.23 37.71
N ILE A 478 0.49 0.72 36.69
CA ILE A 478 1.36 1.91 36.84
C ILE A 478 0.56 3.05 37.47
N ASN A 479 -0.60 3.34 36.89
CA ASN A 479 -1.41 4.49 37.32
C ASN A 479 -1.98 4.35 38.75
N ARG A 480 -2.22 3.11 39.17
CA ARG A 480 -2.75 2.88 40.51
CA ARG A 480 -2.75 2.85 40.50
C ARG A 480 -1.63 2.79 41.55
N THR A 481 -0.39 2.72 41.08
CA THR A 481 0.78 2.51 41.94
C THR A 481 1.73 3.68 42.06
N SER A 482 2.16 4.22 40.91
CA SER A 482 3.43 4.95 40.83
C SER A 482 3.52 5.85 39.58
N SER A 483 2.82 6.97 39.50
CA SER A 483 2.35 7.78 40.62
C SER A 483 3.58 8.63 41.03
N LYS A 484 3.59 9.82 40.37
CA LYS A 484 4.74 10.55 39.87
C LYS A 484 4.50 10.33 38.37
N GLY A 485 5.28 9.60 37.70
CA GLY A 485 4.99 9.29 36.28
C GLY A 485 3.70 8.51 36.09
N LYS A 486 2.98 8.79 35.00
CA LYS A 486 1.72 8.10 34.67
C LYS A 486 1.67 7.70 33.20
N VAL A 487 0.88 6.68 32.89
CA VAL A 487 0.52 6.38 31.51
C VAL A 487 -0.68 7.24 31.17
N THR A 488 -0.53 8.13 30.18
CA THR A 488 -1.59 9.11 29.89
C THR A 488 -2.35 8.78 28.60
N ALA A 489 -1.90 7.77 27.86
CA ALA A 489 -2.60 7.32 26.65
C ALA A 489 -2.14 5.94 26.30
N VAL A 490 -3.09 5.13 25.86
CA VAL A 490 -2.79 3.86 25.24
C VAL A 490 -3.50 3.87 23.89
N CYS A 491 -2.71 3.85 22.82
CA CYS A 491 -3.21 3.98 21.44
C CYS A 491 -2.80 2.80 20.58
N VAL A 492 -3.75 2.29 19.79
CA VAL A 492 -3.48 1.16 18.90
C VAL A 492 -3.25 1.67 17.47
N TRP A 493 -2.33 1.03 16.74
CA TRP A 493 -1.92 1.56 15.46
C TRP A 493 -2.85 1.12 14.29
N GLY A 494 -4.09 1.60 14.34
CA GLY A 494 -5.09 1.30 13.33
C GLY A 494 -6.40 0.96 14.02
N PRO A 495 -7.52 1.09 13.28
CA PRO A 495 -8.88 0.80 13.78
C PRO A 495 -9.32 -0.66 13.71
N ASN A 496 -8.94 -1.36 12.65
CA ASN A 496 -9.35 -2.75 12.50
C ASN A 496 -8.32 -3.49 11.63
N ASP A 497 -8.45 -4.82 11.57
CA ASP A 497 -7.48 -5.66 10.87
C ASP A 497 -7.40 -5.43 9.37
N ALA A 498 -8.37 -4.73 8.78
CA ALA A 498 -8.32 -4.43 7.36
C ALA A 498 -7.47 -3.20 7.11
N ASN A 499 -6.98 -2.57 8.18
CA ASN A 499 -6.28 -1.30 8.10
C ASN A 499 -5.07 -1.24 8.99
N THR A 500 -4.16 -2.18 8.77
CA THR A 500 -2.94 -2.25 9.53
C THR A 500 -1.73 -2.27 8.61
N TRP A 501 -0.70 -1.54 9.01
CA TRP A 501 0.57 -1.49 8.25
C TRP A 501 1.33 -2.83 8.26
N LEU A 502 0.96 -3.74 9.15
CA LEU A 502 1.58 -5.08 9.22
C LEU A 502 1.00 -6.07 8.24
N GLY A 503 -0.10 -5.73 7.58
CA GLY A 503 -0.82 -6.68 6.75
C GLY A 503 -1.86 -7.41 7.58
N SER A 504 -3.03 -7.61 7.03
CA SER A 504 -4.12 -8.34 7.68
C SER A 504 -3.82 -9.75 8.13
N GLN A 505 -2.86 -10.39 7.47
CA GLN A 505 -2.49 -11.77 7.80
C GLN A 505 -1.89 -11.86 9.21
N ASN A 506 -1.41 -10.74 9.74
CA ASN A 506 -0.94 -10.64 11.12
C ASN A 506 -2.02 -10.22 12.12
N ALA A 507 -3.24 -9.97 11.61
CA ALA A 507 -4.47 -9.69 12.38
C ALA A 507 -4.23 -9.01 13.75
N PRO A 508 -3.59 -7.83 13.75
CA PRO A 508 -2.97 -7.28 14.96
C PRO A 508 -3.80 -6.39 15.88
N LEU A 509 -5.04 -6.08 15.55
CA LEU A 509 -5.79 -5.00 16.20
C LEU A 509 -7.03 -5.51 16.93
N LEU A 510 -7.86 -4.59 17.43
CA LEU A 510 -8.94 -4.93 18.38
C LEU A 510 -10.22 -5.34 17.69
N PHE A 511 -10.35 -4.92 16.43
CA PHE A 511 -11.52 -5.20 15.61
C PHE A 511 -11.10 -5.89 14.33
N ASN A 512 -11.91 -6.83 13.86
CA ASN A 512 -11.59 -7.58 12.66
C ASN A 512 -11.89 -6.75 11.39
N ALA A 513 -11.66 -7.35 10.23
CA ALA A 513 -11.84 -6.68 8.94
C ALA A 513 -13.30 -6.27 8.72
N ASN A 514 -14.21 -6.95 9.41
CA ASN A 514 -15.62 -6.62 9.35
C ASN A 514 -16.00 -5.66 10.45
N ASN A 515 -14.98 -5.13 11.13
CA ASN A 515 -15.18 -4.11 12.14
C ASN A 515 -15.90 -4.66 13.37
N GLN A 516 -15.85 -5.97 13.56
CA GLN A 516 -16.47 -6.61 14.73
C GLN A 516 -15.43 -6.80 15.83
N PRO A 517 -15.84 -6.62 17.11
CA PRO A 517 -14.88 -6.75 18.20
C PRO A 517 -14.26 -8.16 18.29
N LYS A 518 -12.94 -8.20 18.46
CA LYS A 518 -12.21 -9.44 18.59
C LYS A 518 -12.08 -9.88 20.05
N PRO A 519 -11.61 -11.12 20.29
CA PRO A 519 -11.42 -11.51 21.68
C PRO A 519 -10.56 -10.50 22.46
N ALA A 520 -9.64 -9.83 21.77
CA ALA A 520 -8.81 -8.82 22.42
C ALA A 520 -9.63 -7.62 22.89
N TYR A 521 -10.64 -7.25 22.12
CA TYR A 521 -11.49 -6.12 22.48
C TYR A 521 -12.27 -6.41 23.74
N ASN A 522 -12.91 -7.57 23.82
CA ASN A 522 -13.70 -7.87 25.00
CA ASN A 522 -13.69 -7.83 25.03
C ASN A 522 -12.79 -8.11 26.23
N ALA A 523 -11.56 -8.59 26.00
CA ALA A 523 -10.58 -8.73 27.09
C ALA A 523 -10.15 -7.39 27.67
N VAL A 524 -9.90 -6.42 26.79
CA VAL A 524 -9.51 -5.07 27.20
C VAL A 524 -10.70 -4.36 27.86
N ALA A 525 -11.91 -4.67 27.36
CA ALA A 525 -13.14 -4.10 27.89
C ALA A 525 -13.55 -4.65 29.24
N SER A 526 -12.76 -5.56 29.81
CA SER A 526 -13.14 -6.14 31.08
C SER A 526 -12.21 -5.78 32.24
N ILE A 527 -11.20 -4.97 31.97
CA ILE A 527 -10.18 -4.64 32.97
C ILE A 527 -10.72 -3.69 34.02
N ILE A 528 -11.48 -2.67 33.62
CA ILE A 528 -11.98 -1.65 34.54
C ILE A 528 -13.41 -1.92 35.06
N PRO A 529 -13.60 -1.97 36.40
CA PRO A 529 -14.93 -2.19 36.96
C PRO A 529 -15.87 -1.03 36.63
N GLN A 530 -17.14 -1.35 36.36
CA GLN A 530 -18.15 -0.37 35.91
C GLN A 530 -18.26 0.87 36.81
N SER A 531 -18.07 0.67 38.12
CA SER A 531 -18.09 1.77 39.10
C SER A 531 -17.01 2.83 38.81
N GLU A 532 -15.97 2.43 38.07
CA GLU A 532 -14.85 3.32 37.74
C GLU A 532 -14.91 3.99 36.37
N TRP A 533 -15.89 3.63 35.53
CA TRP A 533 -16.02 4.25 34.20
C TRP A 533 -16.36 5.74 34.33
N GLY A 534 -15.98 6.51 33.33
CA GLY A 534 -16.18 7.95 33.36
C GLY A 534 -16.62 8.50 32.03
N ASP A 535 -16.47 9.81 31.85
CA ASP A 535 -16.82 10.47 30.62
C ASP A 535 -15.58 10.45 29.74
N GLY A 536 -15.63 9.64 28.69
CA GLY A 536 -14.50 9.53 27.78
C GLY A 536 -14.23 10.82 27.01
N ASN A 537 -15.24 11.67 26.92
CA ASN A 537 -15.07 12.96 26.24
C ASN A 537 -14.42 13.98 27.15
N ASN A 538 -14.32 13.62 28.43
CA ASN A 538 -13.65 14.44 29.43
C ASN A 538 -12.75 13.62 30.36
N PRO A 539 -11.71 12.97 29.81
CA PRO A 539 -10.87 12.08 30.64
C PRO A 539 -10.05 12.83 31.71
N ALA A 540 -9.76 12.16 32.83
CA ALA A 540 -9.04 12.79 33.96
C ALA A 540 -7.66 13.31 33.58
N ALA B 21 16.91 11.27 -34.03
CA ALA B 21 15.74 10.37 -33.91
C ALA B 21 16.16 8.92 -34.19
N ASP B 22 17.32 8.53 -33.66
CA ASP B 22 18.10 7.36 -34.15
C ASP B 22 18.04 5.99 -33.40
N TYR B 23 17.43 5.91 -32.21
CA TYR B 23 17.46 4.65 -31.45
C TYR B 23 16.11 4.09 -30.95
N GLU B 24 15.83 2.83 -31.28
CA GLU B 24 14.53 2.20 -31.07
C GLU B 24 14.40 1.47 -29.74
N VAL B 25 13.50 1.93 -28.88
CA VAL B 25 13.31 1.30 -27.56
C VAL B 25 12.14 0.31 -27.54
N VAL B 26 11.18 0.50 -28.46
CA VAL B 26 10.04 -0.40 -28.64
C VAL B 26 9.75 -0.60 -30.13
N HIS B 27 9.44 -1.83 -30.51
CA HIS B 27 8.84 -2.10 -31.81
C HIS B 27 7.91 -3.26 -31.67
N ASP B 28 6.61 -2.98 -31.51
CA ASP B 28 5.63 -4.06 -31.43
C ASP B 28 5.18 -4.43 -32.84
N THR B 29 5.37 -5.70 -33.19
CA THR B 29 4.99 -6.20 -34.51
C THR B 29 3.81 -7.15 -34.43
N PHE B 30 3.48 -7.64 -33.24
CA PHE B 30 2.40 -8.62 -33.07
C PHE B 30 2.62 -9.92 -33.85
N GLU B 31 3.87 -10.26 -34.13
CA GLU B 31 4.25 -11.48 -34.87
CA GLU B 31 4.08 -11.43 -34.95
C GLU B 31 3.82 -12.72 -34.12
N VAL B 32 4.00 -12.65 -32.80
CA VAL B 32 3.77 -13.85 -31.97
C VAL B 32 2.79 -13.57 -30.82
N ASN B 33 3.04 -12.49 -30.07
CA ASN B 33 2.27 -12.18 -28.89
C ASN B 33 1.45 -10.92 -29.09
N PHE B 34 0.71 -10.53 -28.04
CA PHE B 34 -0.08 -9.30 -28.05
C PHE B 34 0.77 -8.09 -27.74
N ASP B 35 2.03 -8.35 -27.39
CA ASP B 35 3.06 -7.33 -27.17
C ASP B 35 2.69 -6.25 -26.14
N GLY B 36 1.96 -6.66 -25.09
CA GLY B 36 1.63 -5.75 -24.01
C GLY B 36 0.45 -4.83 -24.29
N TRP B 37 -0.29 -5.11 -25.37
CA TRP B 37 -1.45 -4.29 -25.76
C TRP B 37 -2.76 -4.83 -25.21
N CYS B 38 -3.61 -3.89 -24.77
CA CYS B 38 -4.76 -4.19 -23.93
C CYS B 38 -6.00 -3.50 -24.47
N ASN B 39 -7.18 -4.04 -24.17
CA ASN B 39 -8.40 -3.31 -24.53
C ASN B 39 -8.63 -2.10 -23.62
N LEU B 40 -8.85 -0.94 -24.24
CA LEU B 40 -9.28 0.27 -23.52
C LEU B 40 -10.81 0.30 -23.60
N GLY B 41 -11.46 0.26 -22.43
CA GLY B 41 -12.91 0.05 -22.36
C GLY B 41 -13.20 -1.43 -22.12
N VAL B 42 -14.02 -1.71 -21.11
CA VAL B 42 -14.21 -3.09 -20.63
C VAL B 42 -14.77 -4.08 -21.68
N ASP B 43 -15.56 -3.59 -22.63
CA ASP B 43 -16.10 -4.47 -23.68
C ASP B 43 -15.46 -4.34 -25.07
N THR B 44 -14.45 -3.50 -25.19
CA THR B 44 -13.62 -3.44 -26.39
C THR B 44 -12.87 -4.78 -26.48
N TYR B 45 -12.74 -5.31 -27.69
CA TYR B 45 -12.12 -6.59 -27.91
C TYR B 45 -10.93 -6.48 -28.90
N LEU B 46 -9.78 -7.00 -28.49
CA LEU B 46 -8.58 -7.07 -29.32
C LEU B 46 -8.37 -8.52 -29.78
N THR B 47 -8.12 -8.71 -31.07
CA THR B 47 -7.57 -9.98 -31.61
C THR B 47 -6.42 -9.68 -32.56
N ALA B 48 -5.29 -10.38 -32.38
CA ALA B 48 -4.17 -10.32 -33.31
C ALA B 48 -4.47 -11.29 -34.43
N VAL B 49 -4.35 -10.81 -35.68
CA VAL B 49 -4.79 -11.58 -36.83
C VAL B 49 -3.66 -11.70 -37.90
N GLU B 50 -3.37 -12.93 -38.32
CA GLU B 50 -2.37 -13.17 -39.38
C GLU B 50 -2.81 -12.43 -40.63
N ASN B 51 -1.82 -11.97 -41.42
CA ASN B 51 -2.05 -11.42 -42.78
C ASN B 51 -2.70 -10.03 -42.86
N GLU B 52 -3.39 -9.60 -41.81
CA GLU B 52 -4.19 -8.38 -41.88
C GLU B 52 -3.51 -7.17 -41.26
N GLY B 53 -2.25 -7.36 -40.84
CA GLY B 53 -1.44 -6.28 -40.32
C GLY B 53 -0.77 -5.53 -41.47
N ASN B 54 0.16 -4.67 -41.09
CA ASN B 54 0.90 -3.84 -42.04
C ASN B 54 1.86 -4.71 -42.83
N ASN B 55 1.97 -4.42 -44.13
CA ASN B 55 2.79 -5.16 -45.06
C ASN B 55 2.48 -6.65 -45.15
N GLY B 56 1.23 -7.01 -44.92
CA GLY B 56 0.80 -8.39 -44.95
C GLY B 56 1.26 -9.23 -43.78
N THR B 57 1.64 -8.59 -42.67
CA THR B 57 2.09 -9.32 -41.50
C THR B 57 0.94 -9.44 -40.50
N ARG B 58 1.20 -9.96 -39.30
CA ARG B 58 0.16 -10.10 -38.30
C ARG B 58 -0.09 -8.73 -37.69
N GLY B 59 -1.37 -8.37 -37.50
CA GLY B 59 -1.69 -7.08 -36.89
C GLY B 59 -2.66 -7.23 -35.75
N MET B 60 -2.94 -6.12 -35.06
CA MET B 60 -3.86 -6.10 -33.92
C MET B 60 -5.16 -5.43 -34.32
N MET B 61 -6.24 -6.21 -34.34
CA MET B 61 -7.58 -5.70 -34.60
C MET B 61 -8.26 -5.26 -33.31
N VAL B 62 -8.94 -4.12 -33.37
CA VAL B 62 -9.70 -3.56 -32.27
C VAL B 62 -11.16 -3.43 -32.72
N ILE B 63 -12.04 -4.23 -32.13
CA ILE B 63 -13.48 -4.18 -32.47
C ILE B 63 -14.34 -4.01 -31.22
N ASN B 64 -15.65 -3.84 -31.42
CA ASN B 64 -16.61 -3.62 -30.35
C ASN B 64 -16.34 -2.37 -29.51
N ARG B 65 -15.76 -1.33 -30.11
CA ARG B 65 -15.74 0.01 -29.51
C ARG B 65 -17.16 0.60 -29.52
N SER B 66 -17.57 1.12 -28.36
CA SER B 66 -18.93 1.66 -28.15
C SER B 66 -18.91 3.18 -28.02
N SER B 67 -17.74 3.72 -27.73
CA SER B 67 -17.56 5.16 -27.62
C SER B 67 -16.17 5.54 -28.10
N ALA B 68 -15.98 6.83 -28.40
CA ALA B 68 -14.72 7.34 -28.93
C ALA B 68 -13.53 7.07 -28.00
N SER B 69 -13.79 7.00 -26.70
CA SER B 69 -12.72 6.78 -25.73
C SER B 69 -12.23 5.33 -25.71
N ASP B 70 -13.05 4.40 -26.23
CA ASP B 70 -12.64 2.99 -26.36
C ASP B 70 -11.50 2.85 -27.35
N GLY B 71 -10.60 1.89 -27.13
CA GLY B 71 -9.51 1.64 -28.08
C GLY B 71 -8.54 0.61 -27.55
N ALA B 72 -7.26 0.91 -27.67
CA ALA B 72 -6.22 -0.01 -27.23
C ALA B 72 -5.22 0.84 -26.47
N TYR B 73 -4.61 0.25 -25.44
CA TYR B 73 -3.48 0.87 -24.74
C TYR B 73 -2.37 -0.12 -24.40
N SER B 74 -1.19 0.41 -24.10
CA SER B 74 -0.11 -0.42 -23.64
C SER B 74 0.76 0.37 -22.69
N GLU B 75 0.99 -0.20 -21.50
CA GLU B 75 1.87 0.40 -20.50
C GLU B 75 3.31 0.07 -20.88
N LYS B 76 4.12 1.11 -21.06
CA LYS B 76 5.47 0.94 -21.57
C LYS B 76 6.52 1.48 -20.61
N GLY B 77 6.17 1.60 -19.34
CA GLY B 77 7.07 2.16 -18.35
C GLY B 77 8.38 1.42 -18.20
N PHE B 78 8.41 0.17 -18.63
CA PHE B 78 9.62 -0.62 -18.54
C PHE B 78 10.65 -0.19 -19.58
N TYR B 79 10.21 0.53 -20.61
CA TYR B 79 11.09 0.96 -21.71
C TYR B 79 11.22 2.47 -21.83
N LEU B 80 10.26 3.22 -21.27
CA LEU B 80 10.19 4.67 -21.47
C LEU B 80 10.34 5.44 -20.17
N ASP B 81 11.30 6.38 -20.19
CA ASP B 81 11.65 7.20 -19.03
C ASP B 81 11.08 8.60 -19.16
N GLY B 82 10.74 9.20 -18.01
CA GLY B 82 10.28 10.57 -17.98
C GLY B 82 11.43 11.47 -18.32
N GLY B 83 11.13 12.61 -18.92
CA GLY B 83 12.17 13.58 -19.26
C GLY B 83 12.97 13.25 -20.51
N VAL B 84 12.63 12.15 -21.18
CA VAL B 84 13.31 11.77 -22.42
C VAL B 84 12.31 11.97 -23.54
N GLU B 85 12.75 12.62 -24.61
CA GLU B 85 11.89 12.81 -25.76
C GLU B 85 11.86 11.54 -26.62
N TYR B 86 10.67 11.00 -26.82
CA TYR B 86 10.51 9.86 -27.70
C TYR B 86 9.70 10.27 -28.92
N LYS B 87 9.91 9.55 -30.02
CA LYS B 87 9.05 9.67 -31.19
C LYS B 87 8.18 8.43 -31.20
N TYR B 88 6.87 8.64 -31.17
CA TYR B 88 5.90 7.56 -31.14
C TYR B 88 5.31 7.42 -32.52
N SER B 89 5.22 6.20 -33.01
CA SER B 89 4.74 5.95 -34.37
C SER B 89 3.96 4.65 -34.40
N VAL B 90 2.80 4.69 -35.04
CA VAL B 90 1.94 3.53 -35.17
C VAL B 90 1.37 3.54 -36.59
N PHE B 91 1.29 2.37 -37.23
CA PHE B 91 0.56 2.28 -38.48
C PHE B 91 -0.85 1.80 -38.19
N VAL B 92 -1.82 2.47 -38.80
CA VAL B 92 -3.23 2.18 -38.54
C VAL B 92 -3.99 2.00 -39.85
N LYS B 93 -5.10 1.29 -39.78
CA LYS B 93 -5.97 1.09 -40.94
C LYS B 93 -7.40 0.91 -40.42
N HIS B 94 -8.37 1.40 -41.19
CA HIS B 94 -9.77 1.11 -40.90
C HIS B 94 -10.50 0.75 -42.19
N ASN B 95 -11.64 0.08 -42.06
CA ASN B 95 -12.51 -0.14 -43.21
C ASN B 95 -13.90 0.42 -42.98
N GLY B 96 -13.97 1.56 -42.32
CA GLY B 96 -15.17 2.37 -42.38
C GLY B 96 -15.23 2.96 -43.77
N THR B 97 -16.13 3.89 -43.99
CA THR B 97 -16.04 4.66 -45.22
C THR B 97 -15.82 6.11 -44.80
N GLY B 98 -15.17 6.89 -45.66
CA GLY B 98 -14.82 8.24 -45.26
C GLY B 98 -13.63 8.23 -44.33
N THR B 99 -13.05 9.41 -44.10
CA THR B 99 -11.83 9.51 -43.34
C THR B 99 -12.15 9.41 -41.84
N GLU B 100 -11.24 8.78 -41.11
CA GLU B 100 -11.35 8.68 -39.66
C GLU B 100 -10.20 9.45 -39.06
N THR B 101 -10.46 10.08 -37.93
CA THR B 101 -9.42 10.82 -37.19
C THR B 101 -8.91 9.96 -36.06
N PHE B 102 -7.67 9.49 -36.22
CA PHE B 102 -7.02 8.71 -35.19
C PHE B 102 -6.32 9.65 -34.24
N LYS B 103 -6.20 9.21 -32.99
CA LYS B 103 -5.49 9.96 -31.95
C LYS B 103 -4.57 9.03 -31.22
N LEU B 104 -3.32 9.46 -31.06
CA LEU B 104 -2.34 8.84 -30.18
C LEU B 104 -2.31 9.63 -28.89
N SER B 105 -2.51 8.96 -27.76
CA SER B 105 -2.42 9.63 -26.47
C SER B 105 -1.33 9.01 -25.61
N VAL B 106 -0.69 9.83 -24.79
CA VAL B 106 0.26 9.33 -23.81
C VAL B 106 -0.24 9.78 -22.44
N SER B 107 -0.34 8.83 -21.51
CA SER B 107 -0.60 9.15 -20.11
C SER B 107 0.55 8.68 -19.23
N TYR B 108 0.60 9.21 -18.01
CA TYR B 108 1.62 8.83 -17.08
C TYR B 108 1.18 9.21 -15.69
N LEU B 109 1.85 8.64 -14.70
CA LEU B 109 1.67 9.04 -13.31
C LEU B 109 2.88 9.88 -12.91
N ASP B 110 2.62 11.05 -12.35
CA ASP B 110 3.67 11.87 -11.80
C ASP B 110 4.09 11.33 -10.43
N SER B 111 5.31 10.82 -10.32
CA SER B 111 5.77 10.18 -9.08
C SER B 111 5.83 11.11 -7.87
N GLU B 112 6.01 12.42 -8.14
CA GLU B 112 6.04 13.41 -7.07
C GLU B 112 4.64 13.72 -6.56
N THR B 113 3.80 14.26 -7.44
CA THR B 113 2.45 14.70 -7.10
C THR B 113 1.45 13.56 -6.96
N GLU B 114 1.80 12.39 -7.50
CA GLU B 114 0.92 11.20 -7.55
C GLU B 114 -0.33 11.45 -8.38
N GLU B 115 -0.25 12.40 -9.30
CA GLU B 115 -1.34 12.73 -10.19
C GLU B 115 -1.10 12.17 -11.59
N GLU B 116 -2.18 11.74 -12.22
CA GLU B 116 -2.16 11.26 -13.59
C GLU B 116 -2.36 12.37 -14.59
N ASN B 117 -1.63 12.28 -15.70
CA ASN B 117 -1.86 13.16 -16.82
C ASN B 117 -1.96 12.35 -18.08
N LYS B 118 -2.85 12.79 -18.96
CA LYS B 118 -3.02 12.21 -20.27
C LYS B 118 -3.15 13.31 -21.31
N GLU B 119 -2.48 13.15 -22.43
CA GLU B 119 -2.51 14.13 -23.49
C GLU B 119 -2.50 13.44 -24.84
N VAL B 120 -3.27 13.98 -25.78
CA VAL B 120 -3.19 13.60 -27.19
C VAL B 120 -1.87 14.15 -27.71
N ILE B 121 -1.04 13.27 -28.26
CA ILE B 121 0.26 13.70 -28.78
C ILE B 121 0.23 13.77 -30.31
N ALA B 122 -0.69 13.02 -30.92
CA ALA B 122 -0.83 13.02 -32.39
C ALA B 122 -2.30 12.87 -32.79
N THR B 123 -2.68 13.59 -33.82
CA THR B 123 -3.99 13.49 -34.46
C THR B 123 -3.74 13.34 -35.97
N LYS B 124 -4.38 12.34 -36.59
CA LYS B 124 -4.18 12.09 -38.02
C LYS B 124 -5.46 11.65 -38.70
N ASP B 125 -5.78 12.28 -39.83
CA ASP B 125 -6.91 11.83 -40.66
C ASP B 125 -6.51 10.65 -41.52
N VAL B 126 -7.30 9.59 -41.48
CA VAL B 126 -6.98 8.35 -42.16
C VAL B 126 -8.12 7.94 -43.10
N VAL B 127 -7.81 7.89 -44.40
CA VAL B 127 -8.79 7.43 -45.39
C VAL B 127 -8.98 5.92 -45.28
N ALA B 128 -10.19 5.46 -45.59
CA ALA B 128 -10.52 4.05 -45.53
C ALA B 128 -9.61 3.19 -46.39
N GLY B 129 -9.27 2.01 -45.89
CA GLY B 129 -8.54 1.01 -46.67
C GLY B 129 -7.07 1.25 -46.89
N GLU B 130 -6.49 2.26 -46.23
CA GLU B 130 -5.10 2.63 -46.44
C GLU B 130 -4.33 2.56 -45.13
N TRP B 131 -3.22 1.82 -45.14
CA TRP B 131 -2.30 1.81 -44.00
C TRP B 131 -1.65 3.16 -43.88
N THR B 132 -1.79 3.79 -42.72
CA THR B 132 -1.39 5.16 -42.52
C THR B 132 -0.58 5.25 -41.23
N GLU B 133 0.55 5.93 -41.31
CA GLU B 133 1.35 6.23 -40.13
C GLU B 133 0.77 7.43 -39.39
N ILE B 134 0.60 7.28 -38.08
CA ILE B 134 0.37 8.41 -37.19
C ILE B 134 1.57 8.48 -36.25
N SER B 135 2.14 9.66 -36.11
CA SER B 135 3.30 9.81 -35.26
C SER B 135 3.51 11.23 -34.72
N ALA B 136 4.24 11.31 -33.62
CA ALA B 136 4.66 12.58 -33.03
C ALA B 136 5.75 12.35 -32.01
N LYS B 137 6.46 13.42 -31.69
CA LYS B 137 7.41 13.43 -30.59
C LYS B 137 6.74 13.93 -29.33
N TYR B 138 7.12 13.35 -28.20
CA TYR B 138 6.58 13.76 -26.92
C TYR B 138 7.60 13.48 -25.82
N LYS B 139 7.80 14.47 -24.97
CA LYS B 139 8.63 14.29 -23.79
C LYS B 139 7.78 14.42 -22.53
N ALA B 140 7.67 13.33 -21.78
CA ALA B 140 7.01 13.36 -20.48
C ALA B 140 7.91 14.06 -19.47
N PRO B 141 7.32 14.62 -18.40
CA PRO B 141 8.13 15.26 -17.35
C PRO B 141 9.07 14.25 -16.73
N LYS B 142 10.13 14.73 -16.07
CA LYS B 142 11.12 13.85 -15.44
C LYS B 142 10.55 12.92 -14.39
N THR B 143 9.48 13.34 -13.72
CA THR B 143 8.90 12.56 -12.62
C THR B 143 7.86 11.55 -13.10
N ALA B 144 7.65 11.50 -14.41
CA ALA B 144 6.65 10.63 -15.02
C ALA B 144 7.06 9.17 -14.97
N VAL B 145 6.10 8.33 -14.56
CA VAL B 145 6.28 6.90 -14.52
C VAL B 145 5.02 6.30 -15.13
N ASN B 146 5.03 4.99 -15.34
CA ASN B 146 3.91 4.28 -15.95
C ASN B 146 3.49 4.90 -17.30
N ILE B 147 4.48 5.35 -18.08
CA ILE B 147 4.23 5.94 -19.41
CA ILE B 147 4.19 5.96 -19.39
C ILE B 147 3.47 4.94 -20.27
N THR B 148 2.28 5.33 -20.73
CA THR B 148 1.32 4.44 -21.41
C THR B 148 0.85 5.07 -22.72
N LEU B 149 0.85 4.28 -23.79
CA LEU B 149 0.41 4.73 -25.11
C LEU B 149 -0.99 4.20 -25.38
N SER B 150 -1.87 5.05 -25.92
CA SER B 150 -3.26 4.70 -26.29
CA SER B 150 -3.22 4.62 -26.31
C SER B 150 -3.60 5.11 -27.72
N ILE B 151 -4.42 4.31 -28.40
CA ILE B 151 -4.86 4.62 -29.76
C ILE B 151 -6.38 4.63 -29.75
N THR B 152 -6.97 5.70 -30.28
CA THR B 152 -8.42 5.82 -30.41
C THR B 152 -8.75 6.54 -31.71
N THR B 153 -10.04 6.62 -32.05
CA THR B 153 -10.48 7.51 -33.10
C THR B 153 -11.60 8.35 -32.56
N ASP B 154 -11.93 9.38 -33.30
CA ASP B 154 -13.04 10.23 -32.95
C ASP B 154 -14.36 9.60 -33.40
N SER B 155 -14.55 8.33 -33.08
CA SER B 155 -15.71 7.57 -33.53
C SER B 155 -15.68 6.21 -32.86
N THR B 156 -16.56 5.32 -33.29
CA THR B 156 -16.57 3.96 -32.73
C THR B 156 -16.11 2.90 -33.74
N VAL B 157 -15.48 3.36 -34.83
CA VAL B 157 -15.07 2.50 -35.94
C VAL B 157 -14.12 1.37 -35.46
N ASP B 158 -14.24 0.19 -36.05
CA ASP B 158 -13.22 -0.84 -35.85
C ASP B 158 -11.93 -0.35 -36.52
N PHE B 159 -10.80 -0.83 -36.01
CA PHE B 159 -9.52 -0.56 -36.68
C PHE B 159 -8.49 -1.68 -36.48
N ILE B 160 -7.39 -1.61 -37.23
CA ILE B 160 -6.24 -2.51 -37.10
C ILE B 160 -5.01 -1.62 -36.93
N PHE B 161 -4.08 -2.01 -36.07
CA PHE B 161 -2.82 -1.28 -35.96
C PHE B 161 -1.66 -2.27 -35.94
N ASP B 162 -0.46 -1.77 -36.19
CA ASP B 162 0.73 -2.62 -36.29
C ASP B 162 1.94 -1.72 -36.20
N ASP B 163 3.10 -2.32 -35.99
CA ASP B 163 4.37 -1.59 -36.05
C ASP B 163 4.40 -0.35 -35.16
N VAL B 164 4.14 -0.56 -33.88
CA VAL B 164 4.31 0.49 -32.87
C VAL B 164 5.80 0.63 -32.64
N THR B 165 6.32 1.79 -33.00
CA THR B 165 7.74 2.09 -32.93
C THR B 165 7.90 3.28 -31.99
N ILE B 166 8.81 3.18 -31.03
CA ILE B 166 9.11 4.29 -30.16
C ILE B 166 10.62 4.42 -30.14
N THR B 167 11.09 5.60 -30.52
CA THR B 167 12.52 5.82 -30.68
C THR B 167 12.94 7.09 -29.98
N ARG B 168 14.22 7.17 -29.65
CA ARG B 168 14.83 8.39 -29.14
C ARG B 168 16.16 8.64 -29.84
N LYS B 169 16.69 9.86 -29.69
CA LYS B 169 18.06 10.14 -30.13
C LYS B 169 19.00 9.48 -29.14
N GLY B 170 20.15 9.05 -29.65
CA GLY B 170 21.18 8.42 -28.80
C GLY B 170 21.58 7.07 -29.37
N TYR B 178 28.98 -22.35 -23.74
CA TYR B 178 28.43 -21.31 -22.83
C TYR B 178 29.33 -21.02 -21.62
N ALA B 179 29.82 -19.79 -21.50
CA ALA B 179 30.62 -19.39 -20.35
C ALA B 179 29.68 -18.76 -19.33
N ALA B 180 29.40 -19.49 -18.25
CA ALA B 180 28.42 -19.07 -17.23
C ALA B 180 28.87 -17.82 -16.45
N ASN B 181 27.87 -17.01 -16.10
CA ASN B 181 28.09 -15.77 -15.34
C ASN B 181 27.82 -15.93 -13.85
N ALA B 182 28.49 -15.11 -13.03
CA ALA B 182 28.29 -15.08 -11.58
C ALA B 182 26.95 -14.39 -11.23
N VAL B 183 25.86 -14.94 -11.77
CA VAL B 183 24.49 -14.49 -11.51
C VAL B 183 23.66 -15.68 -11.05
N LEU B 184 22.56 -15.42 -10.35
CA LEU B 184 21.83 -16.50 -9.66
C LEU B 184 21.34 -17.58 -10.61
N LYS B 185 20.67 -17.15 -11.70
CA LYS B 185 20.11 -18.11 -12.65
C LYS B 185 21.16 -19.04 -13.26
N ASP B 186 22.39 -18.54 -13.45
CA ASP B 186 23.47 -19.35 -14.03
C ASP B 186 24.10 -20.27 -12.99
N MET B 187 24.33 -19.73 -11.79
CA MET B 187 24.96 -20.49 -10.73
C MET B 187 24.14 -21.72 -10.42
N TYR B 188 22.81 -21.57 -10.50
CA TYR B 188 21.87 -22.62 -10.16
C TYR B 188 21.22 -23.29 -11.38
N ALA B 189 21.74 -23.03 -12.59
CA ALA B 189 21.13 -23.59 -13.81
C ALA B 189 20.95 -25.11 -13.80
N ASN B 190 21.88 -25.82 -13.16
CA ASN B 190 21.77 -27.28 -13.07
C ASN B 190 21.04 -27.76 -11.83
N TYR B 191 20.46 -26.83 -11.07
CA TYR B 191 19.72 -27.16 -9.87
C TYR B 191 18.26 -26.80 -9.94
N PHE B 192 17.96 -25.53 -10.20
CA PHE B 192 16.57 -25.06 -10.22
C PHE B 192 16.53 -23.65 -10.76
N ARG B 193 15.35 -23.20 -11.18
CA ARG B 193 15.17 -21.80 -11.51
C ARG B 193 15.33 -20.98 -10.24
N VAL B 194 15.81 -19.76 -10.43
CA VAL B 194 15.87 -18.80 -9.35
C VAL B 194 15.02 -17.60 -9.76
N GLY B 195 14.02 -17.33 -8.93
CA GLY B 195 13.00 -16.38 -9.29
C GLY B 195 12.81 -15.20 -8.38
N SER B 196 12.08 -14.22 -8.90
CA SER B 196 11.69 -13.08 -8.11
C SER B 196 10.27 -12.69 -8.52
N VAL B 197 9.90 -11.45 -8.21
CA VAL B 197 8.53 -10.98 -8.29
C VAL B 197 8.51 -9.59 -8.93
N LEU B 198 7.58 -9.40 -9.85
CA LEU B 198 7.29 -8.08 -10.40
C LEU B 198 5.85 -7.70 -10.07
N ASN B 199 5.61 -6.39 -9.98
CA ASN B 199 4.26 -5.90 -9.84
C ASN B 199 4.10 -4.65 -10.71
N SER B 200 2.90 -4.10 -10.77
CA SER B 200 2.64 -2.97 -11.65
C SER B 200 3.44 -1.72 -11.25
N GLY B 201 3.93 -1.68 -10.01
CA GLY B 201 4.83 -0.60 -9.62
C GLY B 201 6.26 -0.83 -10.10
N THR B 202 6.80 -2.00 -9.81
CA THR B 202 8.23 -2.23 -10.09
C THR B 202 8.52 -2.45 -11.58
N VAL B 203 7.47 -2.83 -12.33
CA VAL B 203 7.55 -2.96 -13.79
C VAL B 203 7.54 -1.59 -14.46
N ASN B 204 8.36 -0.70 -13.88
CA ASN B 204 8.66 0.66 -14.34
C ASN B 204 10.02 1.11 -13.92
N ASN B 205 10.67 0.30 -13.10
CA ASN B 205 11.91 0.70 -12.45
C ASN B 205 13.08 0.08 -13.20
N SER B 206 13.86 0.95 -13.86
CA SER B 206 14.84 0.50 -14.83
C SER B 206 15.99 -0.24 -14.17
N SER B 207 16.26 0.11 -12.91
CA SER B 207 17.32 -0.51 -12.15
C SER B 207 16.88 -1.90 -11.77
N ILE B 208 15.56 -2.04 -11.56
CA ILE B 208 14.98 -3.33 -11.26
C ILE B 208 14.91 -4.14 -12.53
N LYS B 209 14.68 -3.51 -13.68
CA LYS B 209 14.68 -4.24 -14.95
C LYS B 209 16.05 -4.89 -15.21
N ALA B 210 17.12 -4.15 -15.00
CA ALA B 210 18.46 -4.68 -15.26
C ALA B 210 18.77 -5.81 -14.26
N LEU B 211 18.36 -5.64 -13.01
CA LEU B 211 18.52 -6.64 -11.96
C LEU B 211 17.88 -7.97 -12.38
N ILE B 212 16.61 -7.90 -12.78
CA ILE B 212 15.84 -9.06 -13.20
C ILE B 212 16.48 -9.76 -14.41
N LEU B 213 16.85 -8.97 -15.41
CA LEU B 213 17.49 -9.51 -16.62
C LEU B 213 18.79 -10.23 -16.28
N ARG B 214 19.59 -9.63 -15.39
CA ARG B 214 20.83 -10.24 -14.95
C ARG B 214 20.68 -11.52 -14.12
N GLU B 215 19.79 -11.54 -13.13
CA GLU B 215 19.87 -12.54 -12.08
C GLU B 215 18.84 -13.66 -12.11
N PHE B 216 17.62 -13.36 -12.58
CA PHE B 216 16.47 -14.24 -12.33
C PHE B 216 15.91 -14.80 -13.63
N ASN B 217 15.59 -16.10 -13.62
CA ASN B 217 14.99 -16.74 -14.80
C ASN B 217 13.54 -17.18 -14.52
N SER B 218 12.99 -16.75 -13.39
CA SER B 218 11.60 -16.98 -13.10
C SER B 218 11.03 -15.69 -12.53
N ILE B 219 9.80 -15.37 -12.95
CA ILE B 219 9.03 -14.26 -12.40
C ILE B 219 7.63 -14.73 -11.98
N THR B 220 7.17 -14.23 -10.83
CA THR B 220 5.79 -14.38 -10.43
C THR B 220 5.19 -12.97 -10.37
N CYS B 221 3.95 -12.78 -10.81
CA CYS B 221 3.26 -11.50 -10.59
C CYS B 221 2.83 -11.40 -9.12
N GLU B 222 3.19 -10.30 -8.45
CA GLU B 222 2.85 -10.18 -7.03
C GLU B 222 1.33 -10.20 -6.79
N ASN B 223 0.58 -9.54 -7.67
CA ASN B 223 -0.87 -9.40 -7.54
C ASN B 223 -1.65 -9.51 -8.84
N GLU B 224 -0.97 -9.36 -9.98
CA GLU B 224 -1.63 -9.05 -11.25
C GLU B 224 -2.27 -10.26 -11.91
N MET B 225 -2.01 -11.46 -11.38
CA MET B 225 -2.68 -12.66 -11.87
C MET B 225 -3.61 -13.32 -10.84
N LYS B 226 -3.91 -12.58 -9.77
CA LYS B 226 -4.80 -13.06 -8.73
C LYS B 226 -6.24 -12.95 -9.24
N PRO B 227 -7.19 -13.71 -8.68
CA PRO B 227 -8.56 -13.60 -9.23
C PRO B 227 -9.13 -12.18 -9.28
N ASP B 228 -8.91 -11.35 -8.27
CA ASP B 228 -9.47 -10.01 -8.36
C ASP B 228 -8.79 -9.11 -9.41
N ALA B 229 -7.59 -9.47 -9.85
CA ALA B 229 -6.90 -8.72 -10.89
C ALA B 229 -7.24 -9.23 -12.30
N THR B 230 -7.87 -10.40 -12.41
CA THR B 230 -8.08 -11.06 -13.68
C THR B 230 -9.58 -11.26 -14.01
N LEU B 231 -10.41 -11.38 -12.98
CA LEU B 231 -11.86 -11.52 -13.21
C LEU B 231 -12.52 -10.23 -13.70
N VAL B 232 -13.41 -10.35 -14.68
CA VAL B 232 -14.16 -9.21 -15.19
C VAL B 232 -15.63 -9.47 -14.86
N GLN B 233 -16.22 -8.59 -14.04
CA GLN B 233 -17.59 -8.77 -13.58
C GLN B 233 -18.60 -8.65 -14.72
N SER B 234 -18.51 -7.54 -15.45
CA SER B 234 -19.44 -7.21 -16.50
C SER B 234 -19.37 -8.24 -17.62
N GLY B 235 -20.52 -8.80 -18.01
CA GLY B 235 -20.59 -9.81 -19.07
C GLY B 235 -20.28 -11.26 -18.69
N SER B 236 -19.89 -11.49 -17.44
CA SER B 236 -19.63 -12.85 -16.97
C SER B 236 -20.92 -13.64 -16.83
N THR B 237 -20.88 -14.92 -17.18
CA THR B 237 -21.99 -15.84 -16.95
C THR B 237 -21.42 -17.08 -16.24
N ASN B 238 -22.27 -17.97 -15.75
CA ASN B 238 -21.81 -19.15 -15.01
C ASN B 238 -20.83 -20.03 -15.79
N THR B 239 -21.06 -20.16 -17.11
CA THR B 239 -20.23 -21.05 -17.94
C THR B 239 -19.27 -20.28 -18.84
N ASN B 240 -19.20 -18.97 -18.66
CA ASN B 240 -18.20 -18.17 -19.37
C ASN B 240 -17.80 -16.96 -18.54
N ILE B 241 -16.86 -17.19 -17.62
CA ILE B 241 -16.34 -16.15 -16.75
C ILE B 241 -15.31 -15.34 -17.55
N ARG B 242 -15.56 -14.03 -17.69
CA ARG B 242 -14.67 -13.16 -18.45
C ARG B 242 -13.40 -12.89 -17.66
N VAL B 243 -12.26 -12.93 -18.33
CA VAL B 243 -10.99 -12.69 -17.64
C VAL B 243 -10.20 -11.67 -18.42
N SER B 244 -9.25 -11.03 -17.78
CA SER B 244 -8.46 -10.01 -18.44
C SER B 244 -7.03 -10.18 -17.98
N LEU B 245 -6.09 -10.09 -18.92
CA LEU B 245 -4.67 -10.09 -18.57
C LEU B 245 -4.12 -8.68 -18.55
N ASN B 246 -4.99 -7.66 -18.61
CA ASN B 246 -4.53 -6.27 -18.69
C ASN B 246 -3.56 -5.86 -17.56
N ARG B 247 -3.86 -6.25 -16.32
CA ARG B 247 -3.00 -5.86 -15.20
C ARG B 247 -1.64 -6.53 -15.30
N ALA B 248 -1.61 -7.74 -15.85
CA ALA B 248 -0.38 -8.53 -15.92
C ALA B 248 0.35 -8.36 -17.25
N ALA B 249 -0.31 -7.77 -18.26
CA ALA B 249 0.20 -7.76 -19.66
C ALA B 249 1.64 -7.25 -19.81
N SER B 250 1.98 -6.13 -19.18
CA SER B 250 3.33 -5.61 -19.34
C SER B 250 4.38 -6.55 -18.73
N ILE B 251 4.06 -7.20 -17.60
CA ILE B 251 4.97 -8.17 -17.01
C ILE B 251 5.10 -9.42 -17.91
N LEU B 252 3.96 -9.97 -18.36
CA LEU B 252 3.98 -11.15 -19.23
C LEU B 252 4.75 -10.88 -20.53
N ASN B 253 4.53 -9.72 -21.14
CA ASN B 253 5.23 -9.33 -22.34
C ASN B 253 6.73 -9.22 -22.12
N PHE B 254 7.13 -8.55 -21.06
CA PHE B 254 8.54 -8.46 -20.69
C PHE B 254 9.18 -9.85 -20.49
N CYS B 255 8.50 -10.73 -19.77
CA CYS B 255 9.03 -12.07 -19.52
C CYS B 255 9.16 -12.89 -20.82
N ALA B 256 8.10 -12.88 -21.62
CA ALA B 256 8.07 -13.60 -22.89
C ALA B 256 9.18 -13.14 -23.82
N GLN B 257 9.40 -11.83 -23.89
CA GLN B 257 10.39 -11.28 -24.78
C GLN B 257 11.81 -11.57 -24.33
N ASN B 258 11.99 -11.88 -23.05
CA ASN B 258 13.32 -12.04 -22.49
C ASN B 258 13.65 -13.43 -21.98
N ASN B 259 12.86 -14.42 -22.39
CA ASN B 259 13.08 -15.81 -22.03
C ASN B 259 13.08 -16.00 -20.49
N ILE B 260 12.17 -15.30 -19.82
CA ILE B 260 11.98 -15.48 -18.38
C ILE B 260 10.71 -16.31 -18.19
N ALA B 261 10.82 -17.43 -17.48
CA ALA B 261 9.65 -18.27 -17.23
C ALA B 261 8.78 -17.65 -16.14
N VAL B 262 7.47 -17.92 -16.16
CA VAL B 262 6.55 -17.29 -15.23
C VAL B 262 5.80 -18.37 -14.46
N ARG B 263 5.70 -18.19 -13.15
CA ARG B 263 4.80 -18.96 -12.30
C ARG B 263 3.46 -18.22 -12.26
N GLY B 264 2.39 -18.88 -12.72
CA GLY B 264 1.04 -18.36 -12.52
C GLY B 264 0.65 -18.34 -11.04
N HIS B 265 0.12 -17.22 -10.59
CA HIS B 265 -0.28 -17.10 -9.20
C HIS B 265 -1.52 -16.21 -9.18
N THR B 266 -2.72 -16.71 -8.88
CA THR B 266 -3.03 -18.05 -8.40
C THR B 266 -4.49 -18.31 -8.80
N LEU B 267 -4.86 -19.55 -9.11
CA LEU B 267 -6.22 -19.82 -9.58
C LEU B 267 -7.31 -19.77 -8.49
N VAL B 268 -6.99 -20.21 -7.28
CA VAL B 268 -7.98 -20.40 -6.22
C VAL B 268 -7.34 -20.01 -4.90
N TRP B 269 -7.93 -19.04 -4.22
CA TRP B 269 -7.43 -18.51 -2.96
C TRP B 269 -8.61 -17.92 -2.20
N HIS B 270 -8.59 -17.96 -0.87
CA HIS B 270 -9.64 -17.33 -0.07
C HIS B 270 -9.48 -15.81 -0.08
N SER B 271 -8.30 -15.31 -0.45
CA SER B 271 -8.06 -13.86 -0.44
C SER B 271 -7.99 -13.29 -1.85
N GLN B 272 -8.09 -11.96 -1.97
CA GLN B 272 -8.00 -11.25 -3.26
C GLN B 272 -8.82 -11.90 -4.39
N THR B 273 -10.08 -12.21 -4.05
CA THR B 273 -11.02 -12.79 -4.99
C THR B 273 -12.32 -12.06 -4.68
N PRO B 274 -12.97 -11.49 -5.71
CA PRO B 274 -14.16 -10.68 -5.46
C PRO B 274 -15.29 -11.52 -4.90
N GLN B 275 -16.06 -10.92 -4.02
CA GLN B 275 -17.20 -11.57 -3.42
C GLN B 275 -18.26 -11.98 -4.46
N TRP B 276 -18.49 -11.12 -5.45
CA TRP B 276 -19.47 -11.38 -6.52
C TRP B 276 -19.23 -12.69 -7.26
N PHE B 277 -18.00 -13.21 -7.22
CA PHE B 277 -17.65 -14.41 -7.98
C PHE B 277 -18.40 -15.62 -7.37
N PHE B 278 -18.82 -15.49 -6.10
CA PHE B 278 -19.50 -16.57 -5.36
C PHE B 278 -21.01 -16.37 -5.25
N LYS B 279 -21.53 -15.31 -5.87
CA LYS B 279 -22.93 -14.91 -5.68
C LYS B 279 -23.74 -15.05 -6.95
N ASP B 280 -25.01 -15.39 -6.80
CA ASP B 280 -25.87 -15.79 -7.92
C ASP B 280 -26.05 -14.73 -9.01
N ASN B 281 -26.22 -13.47 -8.60
CA ASN B 281 -26.42 -12.36 -9.52
C ASN B 281 -25.12 -11.63 -9.91
N PHE B 282 -23.96 -12.23 -9.65
CA PHE B 282 -22.66 -11.60 -9.92
C PHE B 282 -22.54 -10.22 -9.27
N GLN B 283 -23.13 -10.06 -8.09
CA GLN B 283 -22.97 -8.87 -7.28
C GLN B 283 -22.47 -9.26 -5.91
N ASP B 284 -21.73 -8.37 -5.26
CA ASP B 284 -21.13 -8.69 -3.96
C ASP B 284 -22.18 -9.11 -2.94
N ASN B 285 -23.37 -8.51 -3.01
CA ASN B 285 -24.40 -8.80 -2.02
C ASN B 285 -25.50 -9.76 -2.49
N GLY B 286 -25.27 -10.52 -3.56
CA GLY B 286 -26.21 -11.57 -3.96
C GLY B 286 -26.17 -12.78 -3.04
N ASN B 287 -26.85 -13.84 -3.45
CA ASN B 287 -26.93 -15.08 -2.66
C ASN B 287 -25.78 -16.00 -3.01
N TRP B 288 -25.22 -16.69 -2.03
CA TRP B 288 -24.17 -17.67 -2.28
C TRP B 288 -24.70 -18.70 -3.27
N VAL B 289 -23.92 -18.99 -4.31
CA VAL B 289 -24.35 -19.96 -5.31
C VAL B 289 -24.28 -21.41 -4.81
N SER B 290 -24.91 -22.31 -5.56
CA SER B 290 -24.83 -23.72 -5.26
C SER B 290 -23.45 -24.26 -5.67
N GLN B 291 -23.11 -25.44 -5.16
CA GLN B 291 -21.89 -26.13 -5.59
C GLN B 291 -21.87 -26.40 -7.09
N SER B 292 -23.03 -26.75 -7.68
CA SER B 292 -23.13 -26.98 -9.13
C SER B 292 -22.80 -25.77 -9.95
N VAL B 293 -23.33 -24.62 -9.54
CA VAL B 293 -23.04 -23.35 -10.22
C VAL B 293 -21.57 -22.98 -10.03
N MET B 294 -21.04 -23.15 -8.83
CA MET B 294 -19.66 -22.79 -8.56
CA MET B 294 -19.66 -22.79 -8.56
C MET B 294 -18.66 -23.66 -9.33
N ASP B 295 -19.02 -24.93 -9.53
CA ASP B 295 -18.21 -25.80 -10.38
C ASP B 295 -18.09 -25.25 -11.81
N GLN B 296 -19.19 -24.71 -12.36
CA GLN B 296 -19.19 -24.10 -13.69
C GLN B 296 -18.26 -22.90 -13.73
N ARG B 297 -18.35 -22.06 -12.70
CA ARG B 297 -17.54 -20.83 -12.63
C ARG B 297 -16.06 -21.15 -12.39
N LEU B 298 -15.78 -22.10 -11.49
CA LEU B 298 -14.41 -22.56 -11.26
C LEU B 298 -13.82 -23.13 -12.56
N GLU B 299 -14.53 -24.06 -13.21
CA GLU B 299 -13.98 -24.60 -14.44
C GLU B 299 -13.76 -23.51 -15.50
N SER B 300 -14.73 -22.62 -15.62
CA SER B 300 -14.69 -21.58 -16.64
C SER B 300 -13.53 -20.62 -16.41
N TYR B 301 -13.37 -20.19 -15.15
CA TYR B 301 -12.28 -19.28 -14.82
C TYR B 301 -10.92 -19.90 -15.17
N ILE B 302 -10.72 -21.16 -14.80
CA ILE B 302 -9.45 -21.86 -15.04
C ILE B 302 -9.23 -22.06 -16.56
N LYS B 303 -10.25 -22.55 -17.24
CA LYS B 303 -10.23 -22.66 -18.70
C LYS B 303 -9.81 -21.36 -19.38
N ASN B 304 -10.46 -20.26 -18.97
CA ASN B 304 -10.29 -18.97 -19.66
C ASN B 304 -8.97 -18.33 -19.30
N MET B 305 -8.47 -18.59 -18.09
CA MET B 305 -7.15 -18.10 -17.72
C MET B 305 -6.11 -18.75 -18.63
N PHE B 306 -6.13 -20.07 -18.76
CA PHE B 306 -5.14 -20.74 -19.61
C PHE B 306 -5.30 -20.40 -21.08
N ALA B 307 -6.55 -20.28 -21.54
CA ALA B 307 -6.82 -19.93 -22.92
C ALA B 307 -6.26 -18.56 -23.32
N GLU B 308 -6.43 -17.57 -22.43
CA GLU B 308 -6.00 -16.20 -22.71
C GLU B 308 -4.49 -16.04 -22.66
N ILE B 309 -3.85 -16.75 -21.72
CA ILE B 309 -2.38 -16.76 -21.67
C ILE B 309 -1.85 -17.31 -22.98
N GLN B 310 -2.42 -18.43 -23.44
CA GLN B 310 -2.01 -19.03 -24.69
C GLN B 310 -2.37 -18.16 -25.90
N ARG B 311 -3.53 -17.51 -25.87
CA ARG B 311 -3.97 -16.63 -26.97
C ARG B 311 -3.05 -15.41 -27.08
N GLN B 312 -2.72 -14.78 -25.96
CA GLN B 312 -2.02 -13.51 -25.99
C GLN B 312 -0.50 -13.60 -25.86
N TYR B 313 -0.02 -14.59 -25.08
CA TYR B 313 1.43 -14.79 -24.84
C TYR B 313 1.83 -16.24 -25.09
N PRO B 314 1.58 -16.73 -26.32
CA PRO B 314 1.97 -18.10 -26.67
C PRO B 314 3.46 -18.38 -26.47
N SER B 315 4.33 -17.39 -26.62
CA SER B 315 5.75 -17.61 -26.45
C SER B 315 6.21 -17.65 -24.97
N LEU B 316 5.33 -17.29 -24.04
CA LEU B 316 5.66 -17.32 -22.64
C LEU B 316 5.84 -18.76 -22.17
N ASN B 317 6.93 -18.98 -21.44
CA ASN B 317 7.10 -20.24 -20.72
C ASN B 317 6.36 -20.19 -19.38
N LEU B 318 5.12 -20.67 -19.39
CA LEU B 318 4.28 -20.71 -18.19
C LEU B 318 4.59 -22.04 -17.51
N TYR B 319 5.60 -22.06 -16.65
CA TYR B 319 6.20 -23.33 -16.29
C TYR B 319 5.58 -23.94 -15.04
N ALA B 320 4.85 -23.12 -14.28
CA ALA B 320 4.20 -23.57 -13.08
C ALA B 320 2.98 -22.70 -12.85
N TYR B 321 2.02 -23.23 -12.09
CA TYR B 321 0.89 -22.44 -11.64
C TYR B 321 0.51 -22.90 -10.24
N ASP B 322 0.31 -21.95 -9.35
CA ASP B 322 -0.30 -22.20 -8.05
C ASP B 322 -1.78 -22.35 -8.28
N VAL B 323 -2.21 -23.60 -8.37
CA VAL B 323 -3.60 -23.90 -8.68
C VAL B 323 -4.48 -23.60 -7.49
N VAL B 324 -4.06 -24.06 -6.30
CA VAL B 324 -4.76 -23.69 -5.08
C VAL B 324 -3.74 -23.12 -4.12
N ASN B 325 -4.13 -22.01 -3.48
CA ASN B 325 -3.27 -21.25 -2.59
C ASN B 325 -3.85 -21.26 -1.17
N ALA B 326 -3.02 -21.70 -0.22
CA ALA B 326 -3.25 -21.46 1.22
C ALA B 326 -4.63 -21.86 1.72
N ALA B 327 -5.05 -23.07 1.38
CA ALA B 327 -6.38 -23.55 1.79
C ALA B 327 -6.37 -24.31 3.12
N VAL B 328 -5.19 -24.68 3.61
CA VAL B 328 -5.11 -25.40 4.90
C VAL B 328 -5.09 -24.36 6.02
N SER B 329 -5.92 -24.60 7.04
CA SER B 329 -6.01 -23.72 8.17
C SER B 329 -4.74 -23.72 9.05
N ASP B 330 -4.45 -22.59 9.68
CA ASP B 330 -3.40 -22.45 10.68
C ASP B 330 -3.88 -22.98 12.03
N ASP B 331 -5.19 -23.12 12.18
CA ASP B 331 -5.81 -23.55 13.43
C ASP B 331 -5.78 -25.07 13.51
N ALA B 332 -5.12 -25.59 14.56
CA ALA B 332 -4.96 -27.03 14.74
C ALA B 332 -6.29 -27.77 14.95
N ASN B 333 -7.30 -27.08 15.47
CA ASN B 333 -8.65 -27.64 15.55
C ASN B 333 -9.21 -27.96 14.17
N ARG B 334 -8.88 -27.12 13.21
CA ARG B 334 -9.36 -27.30 11.84
C ARG B 334 -8.60 -28.41 11.09
N THR B 335 -7.28 -28.50 11.27
CA THR B 335 -6.54 -29.62 10.67
C THR B 335 -6.93 -30.91 11.38
N ARG B 336 -7.19 -30.86 12.69
CA ARG B 336 -7.61 -32.05 13.41
C ARG B 336 -9.05 -32.48 13.07
N TYR B 337 -10.01 -31.55 13.12
CA TYR B 337 -11.43 -31.94 13.08
C TYR B 337 -12.19 -31.59 11.81
N TYR B 338 -11.59 -30.80 10.92
CA TYR B 338 -12.30 -30.25 9.76
C TYR B 338 -11.52 -30.54 8.47
N GLY B 339 -10.62 -31.52 8.51
CA GLY B 339 -9.84 -31.85 7.34
C GLY B 339 -8.98 -30.72 6.85
N GLY B 340 -8.65 -29.76 7.72
CA GLY B 340 -7.83 -28.64 7.30
C GLY B 340 -8.57 -27.45 6.69
N ALA B 341 -9.89 -27.57 6.54
CA ALA B 341 -10.67 -26.50 5.93
C ALA B 341 -10.60 -25.23 6.77
N ARG B 342 -10.44 -24.09 6.11
CA ARG B 342 -10.57 -22.81 6.77
C ARG B 342 -12.04 -22.65 7.19
N GLU B 343 -12.34 -21.68 8.06
CA GLU B 343 -13.74 -21.41 8.41
C GLU B 343 -14.44 -20.76 7.23
N PRO B 344 -15.73 -21.08 7.01
CA PRO B 344 -16.41 -20.48 5.86
C PRO B 344 -16.67 -18.98 6.08
N GLY B 345 -16.64 -18.21 5.00
CA GLY B 345 -16.97 -16.80 5.08
C GLY B 345 -16.12 -15.97 4.14
N TYR B 346 -16.00 -14.69 4.42
CA TYR B 346 -15.31 -13.78 3.50
C TYR B 346 -14.54 -12.78 4.36
N GLY B 347 -13.24 -12.65 4.13
CA GLY B 347 -12.41 -11.77 4.96
C GLY B 347 -11.93 -12.51 6.20
N ASN B 348 -10.93 -11.94 6.87
CA ASN B 348 -10.42 -12.47 8.16
C ASN B 348 -9.86 -13.90 8.11
N GLY B 349 -9.36 -14.33 6.96
CA GLY B 349 -8.79 -15.67 6.84
C GLY B 349 -9.86 -16.72 6.68
N ARG B 350 -11.11 -16.28 6.60
CA ARG B 350 -12.22 -17.17 6.24
C ARG B 350 -12.23 -17.40 4.73
N SER B 351 -12.89 -18.48 4.29
CA SER B 351 -12.84 -18.92 2.90
C SER B 351 -14.23 -18.93 2.23
N PRO B 352 -14.42 -18.15 1.13
CA PRO B 352 -15.69 -18.26 0.37
C PRO B 352 -15.84 -19.61 -0.35
N TRP B 353 -14.71 -20.28 -0.59
CA TRP B 353 -14.71 -21.64 -1.15
C TRP B 353 -15.28 -22.65 -0.17
N VAL B 354 -14.85 -22.59 1.09
CA VAL B 354 -15.47 -23.40 2.15
C VAL B 354 -16.94 -23.02 2.36
N GLN B 355 -17.25 -21.73 2.27
CA GLN B 355 -18.64 -21.29 2.35
C GLN B 355 -19.53 -22.02 1.32
N ILE B 356 -19.07 -22.12 0.08
CA ILE B 356 -19.84 -22.81 -0.96
C ILE B 356 -19.81 -24.34 -0.78
N TYR B 357 -18.63 -24.90 -0.57
CA TYR B 357 -18.44 -26.36 -0.68
C TYR B 357 -18.51 -27.11 0.64
N GLY B 358 -18.47 -26.38 1.77
CA GLY B 358 -18.66 -27.00 3.08
C GLY B 358 -17.34 -27.45 3.69
N ASP B 359 -16.35 -27.72 2.83
CA ASP B 359 -15.01 -28.15 3.25
C ASP B 359 -14.05 -27.99 2.08
N ASN B 360 -12.92 -28.70 2.11
CA ASN B 360 -11.84 -28.53 1.13
C ASN B 360 -11.99 -29.44 -0.12
N LYS B 361 -13.20 -29.92 -0.38
CA LYS B 361 -13.46 -30.75 -1.58
C LYS B 361 -13.21 -30.02 -2.90
N PHE B 362 -13.21 -28.68 -2.86
CA PHE B 362 -12.96 -27.91 -4.07
C PHE B 362 -11.50 -28.00 -4.54
N ILE B 363 -10.56 -28.38 -3.65
CA ILE B 363 -9.14 -28.42 -4.02
C ILE B 363 -8.92 -29.39 -5.16
N GLU B 364 -9.43 -30.61 -5.01
CA GLU B 364 -9.32 -31.62 -6.04
C GLU B 364 -10.06 -31.24 -7.32
N LYS B 365 -11.21 -30.57 -7.19
CA LYS B 365 -11.93 -30.06 -8.38
C LYS B 365 -11.03 -29.09 -9.16
N ALA B 366 -10.43 -28.13 -8.45
CA ALA B 366 -9.57 -27.14 -9.09
C ALA B 366 -8.44 -27.82 -9.85
N PHE B 367 -7.77 -28.80 -9.22
CA PHE B 367 -6.65 -29.48 -9.87
C PHE B 367 -7.11 -30.30 -11.06
N THR B 368 -8.30 -30.88 -10.96
CA THR B 368 -8.89 -31.61 -12.06
C THR B 368 -9.12 -30.68 -13.24
N TYR B 369 -9.71 -29.51 -13.02
CA TYR B 369 -9.90 -28.57 -14.15
C TYR B 369 -8.57 -28.04 -14.73
N ALA B 370 -7.63 -27.72 -13.84
CA ALA B 370 -6.32 -27.22 -14.27
C ALA B 370 -5.59 -28.26 -15.10
N ARG B 371 -5.68 -29.53 -14.69
CA ARG B 371 -5.07 -30.61 -15.45
C ARG B 371 -5.65 -30.69 -16.87
N LYS B 372 -6.91 -30.33 -17.02
CA LYS B 372 -7.57 -30.40 -18.30
C LYS B 372 -7.14 -29.28 -19.25
N TYR B 373 -6.82 -28.11 -18.71
CA TYR B 373 -6.59 -26.92 -19.54
C TYR B 373 -5.16 -26.41 -19.58
N ALA B 374 -4.36 -26.79 -18.59
CA ALA B 374 -2.99 -26.28 -18.50
C ALA B 374 -2.15 -26.86 -19.63
N PRO B 375 -1.19 -26.07 -20.14
CA PRO B 375 -0.26 -26.65 -21.10
C PRO B 375 0.51 -27.78 -20.43
N ALA B 376 0.97 -28.75 -21.22
CA ALA B 376 1.58 -29.98 -20.69
C ALA B 376 2.83 -29.74 -19.85
N ASN B 377 3.53 -28.65 -20.13
CA ASN B 377 4.71 -28.38 -19.34
CA ASN B 377 4.74 -28.28 -19.39
C ASN B 377 4.47 -27.34 -18.22
N CYS B 378 3.20 -27.00 -17.99
CA CYS B 378 2.84 -26.17 -16.85
C CYS B 378 2.64 -27.10 -15.65
N LYS B 379 3.59 -27.08 -14.72
CA LYS B 379 3.53 -27.95 -13.56
C LYS B 379 2.55 -27.38 -12.53
N LEU B 380 1.66 -28.25 -12.02
CA LEU B 380 0.60 -27.79 -11.11
C LEU B 380 0.95 -27.88 -9.62
N TYR B 381 0.84 -26.75 -8.92
CA TYR B 381 1.27 -26.61 -7.55
C TYR B 381 0.15 -26.35 -6.54
N TYR B 382 0.27 -26.99 -5.36
CA TYR B 382 -0.46 -26.56 -4.18
C TYR B 382 0.55 -25.75 -3.37
N ASN B 383 0.20 -24.51 -3.07
CA ASN B 383 1.12 -23.53 -2.47
C ASN B 383 0.63 -23.13 -1.06
N ASP B 384 1.51 -23.08 -0.06
CA ASP B 384 1.08 -22.73 1.29
C ASP B 384 2.21 -22.22 2.17
N TYR B 385 1.84 -21.49 3.23
CA TYR B 385 2.79 -20.91 4.20
C TYR B 385 2.63 -21.63 5.56
N ASN B 386 3.52 -21.33 6.52
CA ASN B 386 3.63 -22.06 7.79
C ASN B 386 3.73 -23.54 7.50
N GLU B 387 4.37 -23.85 6.37
CA GLU B 387 4.36 -25.21 5.81
C GLU B 387 5.30 -26.19 6.54
N TYR B 388 6.05 -25.66 7.53
CA TYR B 388 6.97 -26.43 8.38
C TYR B 388 6.41 -26.54 9.82
N TRP B 389 5.21 -26.00 10.05
CA TRP B 389 4.52 -26.12 11.34
C TRP B 389 3.84 -27.47 11.37
N ASP B 390 4.29 -28.33 12.31
CA ASP B 390 3.80 -29.71 12.49
CA ASP B 390 3.86 -29.73 12.32
C ASP B 390 2.41 -30.02 11.91
N HIS B 391 1.41 -29.47 12.60
CA HIS B 391 0.01 -29.86 12.36
C HIS B 391 -0.41 -29.45 10.96
N LYS B 392 0.12 -28.32 10.50
CA LYS B 392 -0.26 -27.76 9.21
C LYS B 392 0.49 -28.51 8.10
N ARG B 393 1.79 -28.69 8.28
CA ARG B 393 2.63 -29.51 7.40
C ARG B 393 2.02 -30.90 7.13
N ASP B 394 1.60 -31.59 8.19
CA ASP B 394 1.08 -32.94 8.04
C ASP B 394 -0.21 -32.95 7.21
N CYS B 395 -1.00 -31.91 7.37
CA CYS B 395 -2.23 -31.77 6.62
C CYS B 395 -1.92 -31.47 5.16
N ILE B 396 -1.04 -30.50 4.92
CA ILE B 396 -0.65 -30.17 3.56
C ILE B 396 -0.09 -31.43 2.86
N ALA B 397 0.78 -32.17 3.56
CA ALA B 397 1.44 -33.33 2.94
C ALA B 397 0.41 -34.39 2.55
N SER B 398 -0.57 -34.58 3.41
CA SER B 398 -1.59 -35.59 3.16
C SER B 398 -2.48 -35.23 1.97
N ILE B 399 -2.94 -33.98 1.90
CA ILE B 399 -3.70 -33.46 0.76
CA ILE B 399 -3.73 -33.58 0.75
C ILE B 399 -2.93 -33.60 -0.56
N CYS B 400 -1.66 -33.20 -0.52
CA CYS B 400 -0.81 -33.20 -1.71
C CYS B 400 -0.40 -34.60 -2.17
N ALA B 401 -0.16 -35.52 -1.24
CA ALA B 401 0.16 -36.91 -1.60
C ALA B 401 -1.01 -37.55 -2.31
N ASN B 402 -2.21 -37.24 -1.82
CA ASN B 402 -3.42 -37.76 -2.42
C ASN B 402 -3.62 -37.26 -3.84
N LEU B 403 -3.41 -35.97 -4.06
CA LEU B 403 -3.53 -35.36 -5.38
C LEU B 403 -2.44 -35.85 -6.33
N TYR B 404 -1.21 -35.93 -5.82
CA TYR B 404 -0.08 -36.44 -6.57
C TYR B 404 -0.37 -37.87 -7.04
N ASN B 405 -0.83 -38.71 -6.11
CA ASN B 405 -1.07 -40.10 -6.45
C ASN B 405 -2.28 -40.32 -7.36
N LYS B 406 -3.13 -39.31 -7.48
CA LYS B 406 -4.20 -39.33 -8.48
C LYS B 406 -3.78 -38.73 -9.82
N GLY B 407 -2.52 -38.28 -9.95
CA GLY B 407 -2.01 -37.67 -11.17
C GLY B 407 -2.44 -36.22 -11.42
N LEU B 408 -2.91 -35.55 -10.36
CA LEU B 408 -3.45 -34.19 -10.47
C LEU B 408 -2.49 -33.08 -10.04
N LEU B 409 -1.50 -33.43 -9.25
CA LEU B 409 -0.56 -32.45 -8.72
C LEU B 409 0.88 -32.82 -9.05
N ASP B 410 1.69 -31.82 -9.38
CA ASP B 410 3.11 -32.02 -9.72
C ASP B 410 4.06 -31.65 -8.57
N GLY B 411 3.65 -30.70 -7.72
CA GLY B 411 4.49 -30.29 -6.60
C GLY B 411 3.84 -29.50 -5.50
N VAL B 412 4.61 -29.34 -4.41
CA VAL B 412 4.21 -28.54 -3.26
C VAL B 412 5.00 -27.24 -3.30
N GLY B 413 4.30 -26.12 -3.15
CA GLY B 413 4.93 -24.82 -3.07
C GLY B 413 5.14 -24.49 -1.60
N MET B 414 6.39 -24.35 -1.20
CA MET B 414 6.72 -23.94 0.14
C MET B 414 6.91 -22.44 0.10
N GLN B 415 5.90 -21.67 0.53
CA GLN B 415 5.97 -20.20 0.45
C GLN B 415 7.20 -19.62 1.15
N SER B 416 7.58 -20.20 2.29
CA SER B 416 8.86 -19.88 2.94
C SER B 416 8.90 -18.42 3.41
N HIS B 417 7.79 -17.95 4.02
CA HIS B 417 7.74 -16.66 4.70
C HIS B 417 8.28 -16.82 6.13
N ILE B 418 9.60 -16.81 6.24
CA ILE B 418 10.31 -17.22 7.45
C ILE B 418 11.06 -16.03 8.07
N ASN B 419 11.68 -16.24 9.22
CA ASN B 419 12.47 -15.17 9.82
C ASN B 419 13.95 -15.53 9.77
N ALA B 420 14.81 -14.64 10.27
CA ALA B 420 16.27 -14.85 10.15
C ALA B 420 16.85 -15.76 11.26
N ASP B 421 15.98 -16.36 12.08
CA ASP B 421 16.44 -17.16 13.21
C ASP B 421 16.79 -18.55 12.69
N MET B 422 17.99 -19.04 12.96
CA MET B 422 18.35 -20.42 12.58
C MET B 422 17.51 -21.47 13.34
N ASN B 423 16.99 -21.09 14.51
CA ASN B 423 16.18 -22.00 15.33
C ASN B 423 14.74 -21.55 15.42
N GLY B 424 13.94 -22.35 16.10
CA GLY B 424 12.58 -21.95 16.43
C GLY B 424 11.60 -22.32 15.34
N PHE B 425 10.50 -21.59 15.32
CA PHE B 425 9.32 -21.96 14.56
C PHE B 425 9.61 -22.16 13.07
N SER B 426 10.39 -21.26 12.47
CA SER B 426 10.77 -21.42 11.08
C SER B 426 12.26 -21.65 10.95
N GLY B 427 12.83 -22.30 11.97
CA GLY B 427 14.23 -22.65 11.98
C GLY B 427 14.57 -23.69 10.94
N ILE B 428 15.85 -23.80 10.63
CA ILE B 428 16.31 -24.70 9.58
C ILE B 428 15.94 -26.18 9.83
N GLN B 429 15.89 -26.60 11.10
CA GLN B 429 15.52 -27.98 11.41
C GLN B 429 14.08 -28.29 10.99
N ASN B 430 13.14 -27.43 11.41
CA ASN B 430 11.73 -27.53 11.00
C ASN B 430 11.57 -27.38 9.49
N TYR B 431 12.30 -26.42 8.92
CA TYR B 431 12.24 -26.16 7.49
C TYR B 431 12.68 -27.42 6.71
N LYS B 432 13.81 -28.00 7.09
CA LYS B 432 14.33 -29.13 6.35
C LYS B 432 13.44 -30.37 6.50
N ALA B 433 12.87 -30.56 7.68
CA ALA B 433 11.95 -31.67 7.95
C ALA B 433 10.72 -31.62 7.03
N ALA B 434 10.20 -30.40 6.80
CA ALA B 434 9.05 -30.19 5.90
C ALA B 434 9.44 -30.41 4.44
N LEU B 435 10.55 -29.83 4.03
CA LEU B 435 11.06 -30.04 2.70
C LEU B 435 11.22 -31.53 2.37
N GLN B 436 11.82 -32.28 3.31
CA GLN B 436 12.04 -33.70 3.15
C GLN B 436 10.73 -34.47 3.07
N LYS B 437 9.78 -34.10 3.93
CA LYS B 437 8.47 -34.74 3.96
C LYS B 437 7.72 -34.56 2.63
N TYR B 438 7.73 -33.34 2.08
CA TYR B 438 7.13 -33.10 0.75
C TYR B 438 7.87 -33.82 -0.38
N ILE B 439 9.20 -33.74 -0.39
CA ILE B 439 9.98 -34.49 -1.39
C ILE B 439 9.65 -35.98 -1.33
N ASN B 440 9.49 -36.51 -0.12
CA ASN B 440 9.22 -37.93 0.05
C ASN B 440 7.92 -38.41 -0.56
N ILE B 441 6.97 -37.51 -0.80
CA ILE B 441 5.75 -37.88 -1.55
C ILE B 441 6.07 -38.46 -2.94
N GLY B 442 7.13 -37.94 -3.57
CA GLY B 442 7.47 -38.34 -4.92
C GLY B 442 7.31 -37.18 -5.87
N CYS B 443 6.54 -36.17 -5.45
CA CYS B 443 6.33 -34.95 -6.23
C CYS B 443 7.54 -34.02 -6.12
N ASP B 444 7.54 -32.94 -6.90
CA ASP B 444 8.55 -31.88 -6.79
C ASP B 444 8.18 -30.80 -5.77
N VAL B 445 9.14 -29.94 -5.46
CA VAL B 445 8.91 -28.83 -4.53
C VAL B 445 9.41 -27.57 -5.20
N GLN B 446 8.69 -26.48 -4.99
CA GLN B 446 9.20 -25.16 -5.32
C GLN B 446 9.14 -24.32 -4.06
N ILE B 447 10.22 -23.56 -3.81
CA ILE B 447 10.26 -22.55 -2.78
C ILE B 447 9.78 -21.29 -3.48
N THR B 448 8.55 -20.88 -3.21
CA THR B 448 7.81 -19.99 -4.10
C THR B 448 7.83 -18.53 -3.71
N GLU B 449 7.96 -18.22 -2.41
CA GLU B 449 7.80 -16.84 -1.94
C GLU B 449 8.77 -16.51 -0.81
N LEU B 450 9.97 -17.03 -0.91
CA LEU B 450 10.98 -16.88 0.13
C LEU B 450 11.23 -15.43 0.46
N ASP B 451 11.03 -15.09 1.74
CA ASP B 451 11.61 -13.89 2.29
C ASP B 451 12.00 -14.21 3.75
N ILE B 452 12.91 -13.42 4.30
CA ILE B 452 13.53 -13.73 5.57
C ILE B 452 13.57 -12.49 6.44
N SER B 453 12.57 -12.36 7.31
CA SER B 453 12.33 -11.12 8.05
C SER B 453 13.36 -10.91 9.14
N THR B 454 13.91 -9.69 9.25
CA THR B 454 14.77 -9.36 10.37
C THR B 454 13.93 -9.00 11.60
N GLU B 455 12.60 -9.05 11.47
CA GLU B 455 11.65 -8.68 12.55
C GLU B 455 11.97 -7.31 13.16
N ASN B 456 11.91 -6.30 12.29
CA ASN B 456 12.09 -4.92 12.69
C ASN B 456 13.44 -4.71 13.38
N GLY B 457 14.49 -5.29 12.80
CA GLY B 457 15.85 -5.06 13.29
C GLY B 457 16.34 -5.96 14.43
N LYS B 458 15.48 -6.88 14.86
CA LYS B 458 15.82 -7.87 15.89
C LYS B 458 17.01 -8.76 15.45
N PHE B 459 17.00 -9.17 14.18
CA PHE B 459 18.07 -10.00 13.63
C PHE B 459 18.97 -9.18 12.75
N SER B 460 20.25 -9.55 12.73
CA SER B 460 21.23 -8.88 11.89
C SER B 460 21.17 -9.34 10.42
N LEU B 461 21.77 -8.56 9.53
CA LEU B 461 21.95 -8.98 8.15
C LEU B 461 22.84 -10.24 8.01
N GLN B 462 23.78 -10.42 8.93
CA GLN B 462 24.56 -11.67 9.01
C GLN B 462 23.70 -12.87 9.31
N GLN B 463 22.83 -12.74 10.29
CA GLN B 463 21.93 -13.83 10.66
C GLN B 463 21.02 -14.15 9.47
N GLN B 464 20.51 -13.12 8.83
CA GLN B 464 19.70 -13.30 7.63
C GLN B 464 20.47 -14.03 6.53
N ALA B 465 21.72 -13.63 6.32
CA ALA B 465 22.60 -14.27 5.32
C ALA B 465 22.77 -15.77 5.62
N ASP B 466 22.98 -16.10 6.89
CA ASP B 466 23.13 -17.48 7.32
C ASP B 466 21.88 -18.28 7.00
N LYS B 467 20.73 -17.65 7.21
CA LYS B 467 19.45 -18.31 6.98
C LYS B 467 19.18 -18.53 5.48
N TYR B 468 19.40 -17.50 4.66
CA TYR B 468 19.33 -17.63 3.19
C TYR B 468 20.24 -18.77 2.67
N LYS B 469 21.47 -18.79 3.16
CA LYS B 469 22.42 -19.80 2.75
C LYS B 469 21.90 -21.22 3.13
N ALA B 470 21.36 -21.35 4.34
CA ALA B 470 20.88 -22.66 4.81
C ALA B 470 19.67 -23.15 4.02
N VAL B 471 18.79 -22.23 3.62
CA VAL B 471 17.61 -22.59 2.81
C VAL B 471 18.01 -23.02 1.39
N PHE B 472 18.83 -22.21 0.70
CA PHE B 472 19.34 -22.62 -0.63
C PHE B 472 20.15 -23.92 -0.53
N GLN B 473 20.98 -24.05 0.51
CA GLN B 473 21.73 -25.28 0.73
C GLN B 473 20.83 -26.51 0.94
N ALA B 474 19.70 -26.33 1.63
CA ALA B 474 18.79 -27.46 1.86
C ALA B 474 18.21 -27.97 0.54
N ALA B 475 17.84 -27.03 -0.32
CA ALA B 475 17.34 -27.32 -1.68
C ALA B 475 18.40 -28.00 -2.55
N VAL B 476 19.61 -27.44 -2.56
CA VAL B 476 20.75 -28.05 -3.25
C VAL B 476 20.97 -29.49 -2.76
N ASP B 477 20.95 -29.68 -1.45
CA ASP B 477 21.20 -30.98 -0.85
C ASP B 477 20.15 -32.02 -1.27
N ILE B 478 18.88 -31.64 -1.27
CA ILE B 478 17.81 -32.52 -1.77
C ILE B 478 18.12 -33.01 -3.19
N ASN B 479 18.41 -32.07 -4.10
CA ASN B 479 18.65 -32.38 -5.50
C ASN B 479 19.87 -33.28 -5.73
N ARG B 480 20.87 -33.15 -4.87
CA ARG B 480 22.08 -34.00 -4.94
C ARG B 480 21.79 -35.40 -4.40
N THR B 481 20.76 -35.51 -3.57
CA THR B 481 20.40 -36.74 -2.88
C THR B 481 19.38 -37.57 -3.65
N SER B 482 18.14 -37.09 -3.74
CA SER B 482 17.07 -37.95 -4.24
C SER B 482 15.76 -37.25 -4.58
N SER B 483 15.20 -37.59 -5.74
CA SER B 483 15.84 -38.42 -6.78
C SER B 483 14.72 -39.23 -7.41
N LYS B 484 13.83 -38.99 -6.82
CA LYS B 484 12.63 -38.84 -7.58
C LYS B 484 12.28 -37.34 -7.51
N GLY B 485 11.60 -36.89 -6.42
CA GLY B 485 11.25 -35.47 -6.30
C GLY B 485 12.47 -34.57 -6.24
N LYS B 486 12.36 -33.40 -6.84
CA LYS B 486 13.41 -32.39 -6.84
C LYS B 486 12.85 -31.02 -6.49
N VAL B 487 13.69 -30.14 -5.99
CA VAL B 487 13.34 -28.73 -5.90
C VAL B 487 13.59 -28.14 -7.29
N THR B 488 12.55 -27.54 -7.90
CA THR B 488 12.70 -27.07 -9.28
C THR B 488 12.71 -25.53 -9.44
N ALA B 489 12.37 -24.81 -8.37
CA ALA B 489 12.52 -23.35 -8.39
C ALA B 489 12.70 -22.90 -6.97
N VAL B 490 13.54 -21.89 -6.78
CA VAL B 490 13.60 -21.17 -5.52
C VAL B 490 13.40 -19.71 -5.90
N CYS B 491 12.32 -19.11 -5.37
CA CYS B 491 11.92 -17.76 -5.75
C CYS B 491 11.83 -16.93 -4.49
N VAL B 492 12.35 -15.70 -4.55
CA VAL B 492 12.21 -14.75 -3.46
C VAL B 492 11.05 -13.79 -3.75
N TRP B 493 10.33 -13.41 -2.70
CA TRP B 493 9.10 -12.62 -2.85
C TRP B 493 9.36 -11.10 -2.92
N GLY B 494 10.05 -10.69 -3.99
CA GLY B 494 10.38 -9.32 -4.24
C GLY B 494 11.80 -9.20 -4.73
N PRO B 495 12.09 -8.11 -5.47
CA PRO B 495 13.44 -7.83 -6.00
C PRO B 495 14.44 -7.22 -5.00
N ASN B 496 13.95 -6.36 -4.10
CA ASN B 496 14.83 -5.64 -3.20
C ASN B 496 13.99 -5.14 -2.03
N ASP B 497 14.68 -4.63 -1.01
CA ASP B 497 14.07 -4.27 0.25
C ASP B 497 13.13 -3.06 0.21
N ALA B 498 13.20 -2.27 -0.86
CA ALA B 498 12.26 -1.17 -1.02
C ALA B 498 10.93 -1.67 -1.56
N ASN B 499 10.85 -2.98 -1.84
CA ASN B 499 9.73 -3.57 -2.55
C ASN B 499 9.31 -4.91 -1.97
N THR B 500 9.02 -4.89 -0.67
CA THR B 500 8.56 -6.06 0.06
C THR B 500 7.22 -5.81 0.74
N TRP B 501 6.36 -6.83 0.68
CA TRP B 501 5.05 -6.77 1.32
C TRP B 501 5.16 -6.76 2.85
N LEU B 502 6.33 -7.13 3.35
CA LEU B 502 6.57 -7.17 4.79
C LEU B 502 6.88 -5.79 5.35
N GLY B 503 7.20 -4.85 4.46
CA GLY B 503 7.71 -3.55 4.88
C GLY B 503 9.22 -3.59 4.97
N SER B 504 9.85 -2.50 4.52
CA SER B 504 11.32 -2.37 4.48
C SER B 504 12.03 -2.44 5.84
N GLN B 505 11.30 -2.14 6.92
CA GLN B 505 11.84 -2.26 8.28
C GLN B 505 12.21 -3.72 8.61
N ASN B 506 11.66 -4.67 7.86
CA ASN B 506 12.01 -6.09 8.00
C ASN B 506 13.10 -6.56 7.02
N ALA B 507 13.67 -5.63 6.25
CA ALA B 507 14.77 -5.85 5.27
C ALA B 507 14.94 -7.29 4.77
N PRO B 508 13.90 -7.84 4.10
CA PRO B 508 13.84 -9.30 4.01
C PRO B 508 14.47 -9.96 2.79
N LEU B 509 15.07 -9.18 1.88
CA LEU B 509 15.37 -9.75 0.54
C LEU B 509 16.85 -9.75 0.24
N LEU B 510 17.23 -10.07 -1.01
CA LEU B 510 18.66 -10.30 -1.37
C LEU B 510 19.39 -9.03 -1.76
N PHE B 511 18.62 -7.98 -2.07
CA PHE B 511 19.16 -6.69 -2.51
C PHE B 511 18.57 -5.55 -1.68
N ASN B 512 19.36 -4.51 -1.43
CA ASN B 512 18.84 -3.39 -0.64
C ASN B 512 18.04 -2.41 -1.50
N ALA B 513 17.56 -1.31 -0.90
CA ALA B 513 16.78 -0.32 -1.64
C ALA B 513 17.46 0.18 -2.93
N ASN B 514 18.80 0.15 -2.95
CA ASN B 514 19.56 0.65 -4.11
C ASN B 514 19.99 -0.46 -5.06
N ASN B 515 19.33 -1.61 -4.95
CA ASN B 515 19.65 -2.79 -5.76
C ASN B 515 21.06 -3.29 -5.61
N GLN B 516 21.69 -2.96 -4.48
CA GLN B 516 23.00 -3.50 -4.17
CA GLN B 516 23.00 -3.49 -4.15
C GLN B 516 22.85 -4.84 -3.45
N PRO B 517 23.67 -5.84 -3.87
CA PRO B 517 23.60 -7.14 -3.21
C PRO B 517 23.87 -7.06 -1.71
N LYS B 518 23.08 -7.77 -0.91
CA LYS B 518 23.24 -7.75 0.55
C LYS B 518 24.19 -8.89 0.96
N PRO B 519 24.62 -8.94 2.24
CA PRO B 519 25.32 -10.16 2.67
C PRO B 519 24.58 -11.46 2.27
N ALA B 520 23.25 -11.46 2.35
CA ALA B 520 22.46 -12.62 1.94
C ALA B 520 22.78 -13.08 0.49
N TYR B 521 22.88 -12.12 -0.43
CA TYR B 521 23.19 -12.44 -1.83
C TYR B 521 24.53 -13.14 -1.93
N ASN B 522 25.55 -12.56 -1.30
CA ASN B 522 26.88 -13.15 -1.30
C ASN B 522 26.95 -14.55 -0.68
N ALA B 523 26.17 -14.78 0.38
CA ALA B 523 26.13 -16.11 0.99
C ALA B 523 25.56 -17.13 -0.02
N VAL B 524 24.43 -16.77 -0.63
CA VAL B 524 23.76 -17.61 -1.65
C VAL B 524 24.63 -17.86 -2.89
N ALA B 525 25.40 -16.83 -3.28
CA ALA B 525 26.28 -16.94 -4.43
C ALA B 525 27.50 -17.85 -4.17
N SER B 526 27.75 -18.20 -2.91
CA SER B 526 28.93 -18.99 -2.57
C SER B 526 28.66 -20.49 -2.47
N ILE B 527 27.43 -20.92 -2.73
CA ILE B 527 27.08 -22.32 -2.49
C ILE B 527 27.57 -23.27 -3.59
N ILE B 528 27.32 -22.94 -4.86
CA ILE B 528 27.59 -23.87 -5.96
C ILE B 528 28.97 -23.55 -6.52
N PRO B 529 29.85 -24.55 -6.63
CA PRO B 529 31.10 -24.24 -7.28
C PRO B 529 30.93 -23.95 -8.77
N GLN B 530 31.81 -23.11 -9.27
CA GLN B 530 31.82 -22.62 -10.62
C GLN B 530 31.73 -23.71 -11.70
N SER B 531 32.39 -24.86 -11.45
CA SER B 531 32.38 -25.97 -12.41
C SER B 531 30.98 -26.48 -12.66
N GLU B 532 30.06 -26.17 -11.75
CA GLU B 532 28.69 -26.65 -11.84
C GLU B 532 27.70 -25.63 -12.41
N TRP B 533 28.14 -24.40 -12.60
CA TRP B 533 27.29 -23.37 -13.19
C TRP B 533 26.87 -23.72 -14.63
N GLY B 534 25.74 -23.17 -15.08
CA GLY B 534 25.33 -23.39 -16.48
C GLY B 534 24.61 -22.18 -17.06
N ASP B 535 23.82 -22.43 -18.10
CA ASP B 535 23.05 -21.39 -18.77
C ASP B 535 21.69 -21.19 -18.13
N GLY B 536 21.57 -20.13 -17.33
CA GLY B 536 20.30 -19.79 -16.66
C GLY B 536 19.12 -19.60 -17.61
N ASN B 537 19.39 -19.20 -18.85
CA ASN B 537 18.32 -19.06 -19.84
C ASN B 537 17.83 -20.41 -20.38
N ASN B 538 18.58 -21.46 -20.08
CA ASN B 538 18.22 -22.82 -20.50
C ASN B 538 18.47 -23.83 -19.39
N PRO B 539 17.81 -23.69 -18.23
CA PRO B 539 18.17 -24.48 -17.06
C PRO B 539 17.79 -25.95 -17.21
N ALA B 540 18.44 -26.81 -16.42
CA ALA B 540 18.05 -28.20 -16.35
C ALA B 540 16.67 -28.34 -15.71
O1 XYP C . 8.33 3.37 13.93
C1 XYP C . 6.96 3.47 13.59
C2 XYP C . 6.65 4.91 13.15
C3 XYP C . 5.32 4.99 12.39
C4 XYP C . 5.27 3.91 11.31
C5 XYP C . 5.43 2.54 11.98
O2 XYP C . 6.56 5.74 14.33
O3 XYP C . 5.12 6.28 11.79
O4 XYP C . 4.01 3.99 10.66
O5 XYP C . 6.77 2.54 12.52
C1 XYP C . 3.99 3.45 9.20
C2 XYP C . 2.57 3.63 8.72
C3 XYP C . 2.57 3.13 7.28
C4 XYP C . 3.68 3.75 6.47
C5 XYP C . 5.05 3.60 7.12
O2 XYP C . 1.65 2.85 9.49
O3 XYP C . 1.32 3.45 6.69
O4 XYP C . 3.66 3.08 5.20
O5 XYP C . 4.97 4.16 8.43
C1 XYP C . 4.07 4.09 4.24
C2 XYP C . 4.59 3.23 3.11
C3 XYP C . 4.88 4.11 1.90
C4 XYP C . 3.71 5.02 1.57
C5 XYP C . 3.21 5.75 2.82
O2 XYP C . 5.79 2.56 3.46
O3 XYP C . 5.15 3.24 0.79
O4 XYP C . 4.12 5.99 0.60
O5 XYP C . 2.89 4.77 3.79
O1 XYP D . 0.25 -16.48 1.28
C1 XYP D . 0.97 -15.52 0.49
C2 XYP D . 0.27 -15.35 -0.88
C3 XYP D . 0.81 -14.16 -1.69
C4 XYP D . 0.76 -12.94 -0.78
C5 XYP D . 1.65 -13.24 0.42
O2 XYP D . 0.41 -16.56 -1.62
O3 XYP D . -0.03 -13.91 -2.81
O4 XYP D . 1.24 -11.80 -1.51
O5 XYP D . 1.00 -14.27 1.18
C1 XYP D . 0.71 -10.61 -0.93
C2 XYP D . 1.35 -9.53 -1.80
C3 XYP D . 0.82 -8.18 -1.35
C4 XYP D . -0.70 -8.18 -1.30
C5 XYP D . -1.21 -9.32 -0.43
O2 XYP D . 2.79 -9.55 -1.67
O3 XYP D . 1.26 -7.18 -2.26
O4 XYP D . -1.11 -6.92 -0.78
O5 XYP D . -0.72 -10.54 -0.97
C1 XYP D . -2.37 -6.51 -1.30
C2 XYP D . -2.86 -5.48 -0.31
C3 XYP D . -4.10 -4.84 -0.91
C4 XYP D . -3.79 -4.22 -2.26
C5 XYP D . -3.06 -5.22 -3.18
O2 XYP D . -3.21 -6.08 0.94
O3 XYP D . -4.55 -3.83 -0.02
O4 XYP D . -5.02 -3.82 -2.87
O5 XYP D . -1.96 -5.82 -2.49
C ACT E . -3.24 38.54 -5.64
O ACT E . -3.70 39.66 -5.26
OXT ACT E . -4.04 37.56 -5.60
CH3 ACT E . -1.84 38.31 -6.15
C ACT F . -6.50 40.25 -7.01
O ACT F . -6.03 41.20 -6.35
OXT ACT F . -6.45 39.12 -6.46
CH3 ACT F . -7.08 40.45 -8.39
C ACT G . -25.80 24.59 11.71
O ACT G . -26.71 25.40 11.40
OXT ACT G . -26.05 23.41 11.38
CH3 ACT G . -24.53 25.01 12.42
C ACT H . -3.98 10.09 34.33
O ACT H . -3.74 9.82 33.12
OXT ACT H . -5.16 9.98 34.75
CH3 ACT H . -2.89 10.53 35.26
C ACT I . -5.79 6.72 -16.76
O ACT I . -5.14 5.99 -15.99
OXT ACT I . -6.99 6.75 -16.49
CH3 ACT I . -5.19 7.50 -17.90
C ACT J . 23.20 3.79 26.97
O ACT J . 23.12 5.03 27.15
OXT ACT J . 23.38 3.39 25.78
CH3 ACT J . 23.09 2.85 28.13
CD CD K . -5.51 39.40 -4.53
CD CD L . -19.53 32.11 9.10
CD CD M . -27.03 24.46 9.72
CD CD N . 22.96 5.57 24.64
CD CD O . -5.66 12.98 -7.22
CD CD P . -6.55 15.07 -7.99
CD CD Q . -5.52 5.73 -13.87
CD CD R . 16.44 -7.59 30.53
C ACT S . -3.51 -34.62 8.58
O ACT S . -3.71 -33.51 9.18
OXT ACT S . -4.26 -34.87 7.58
CH3 ACT S . -2.49 -35.61 9.06
C ACT T . -6.69 -33.53 8.80
O ACT T . -7.64 -33.45 8.01
OXT ACT T . -5.78 -32.67 8.66
CH3 ACT T . -6.69 -34.69 9.80
C ACT U . 12.71 -4.48 -35.13
O ACT U . 12.63 -3.96 -36.26
OXT ACT U . 13.29 -3.79 -34.28
CH3 ACT U . 12.12 -5.84 -34.83
CD CD V . -5.54 -32.91 6.93
CD CD W . 2.95 -7.00 -37.76
CD CD X . 12.34 -2.24 -35.69
CD CD Y . 8.30 -31.34 14.35
CD CD Z . -30.43 -17.76 -6.82
#